data_4LDA
#
_entry.id   4LDA
#
_cell.length_a   96.891
_cell.length_b   86.947
_cell.length_c   97.486
_cell.angle_alpha   90.000
_cell.angle_beta   107.450
_cell.angle_gamma   90.000
#
_symmetry.space_group_name_H-M   'P 1 21 1'
#
loop_
_entity.id
_entity.type
_entity.pdbx_description
1 polymer TadZ
2 non-polymer 'SULFATE ION'
3 water water
#
_entity_poly.entity_id   1
_entity_poly.type   'polypeptide(L)'
_entity_poly.pdbx_seq_one_letter_code
;G(MSE)NQNFVALTQHPGELDWLQNSLASAGQVVPAGSASLEELLALLDVTAAGVLFISLGKSNLVSQGALVEGLVSARP
(MSE)LSVVAIGDGLDNQLVLAA(MSE)RAGARDFITYGARASELTGLIRRLGGRLPSVPVSA
;
_entity_poly.pdbx_strand_id   A,B,C,D,E,F,G,H
#
loop_
_chem_comp.id
_chem_comp.type
_chem_comp.name
_chem_comp.formula
SO4 non-polymer 'SULFATE ION' 'O4 S -2'
#
# COMPACT_ATOMS: atom_id res chain seq x y z
N MSE A 2 8.07 -13.70 -9.03
N MSE A 2 8.44 -12.87 -10.16
CA MSE A 2 7.85 -13.43 -10.45
CA MSE A 2 7.62 -13.71 -9.28
C MSE A 2 6.84 -14.42 -11.03
C MSE A 2 6.46 -14.31 -10.08
O MSE A 2 6.27 -14.10 -12.08
O MSE A 2 5.52 -13.60 -10.44
CB MSE A 2 9.18 -13.45 -11.28
CB MSE A 2 7.11 -12.91 -8.03
CG MSE A 2 9.91 -14.79 -11.29
CG MSE A 2 6.25 -13.74 -7.06
SE MSE A 2 11.15 -15.15 -12.76
SE MSE A 2 5.54 -12.77 -5.43
CE MSE A 2 12.13 -16.61 -11.91
CE MSE A 2 4.69 -11.22 -6.21
N ASN A 3 6.60 -15.61 -10.40
CA ASN A 3 5.65 -16.55 -11.05
C ASN A 3 4.89 -17.39 -10.03
N GLN A 4 3.59 -17.48 -10.23
CA GLN A 4 2.67 -18.22 -9.37
C GLN A 4 1.57 -18.85 -10.16
N ASN A 5 0.88 -19.79 -9.52
CA ASN A 5 -0.38 -20.32 -10.00
C ASN A 5 -1.48 -19.72 -9.17
N PHE A 6 -2.54 -19.24 -9.81
CA PHE A 6 -3.73 -18.68 -9.15
C PHE A 6 -4.90 -19.56 -9.51
N VAL A 7 -5.86 -19.76 -8.60
CA VAL A 7 -7.05 -20.57 -8.85
C VAL A 7 -8.24 -19.60 -8.91
N ALA A 8 -9.15 -19.82 -9.87
CA ALA A 8 -10.29 -18.95 -10.05
C ALA A 8 -11.62 -19.71 -10.14
N LEU A 9 -12.56 -19.31 -9.27
CA LEU A 9 -13.94 -19.75 -9.24
C LEU A 9 -14.75 -18.60 -9.80
N THR A 10 -14.95 -18.61 -11.12
CA THR A 10 -15.63 -17.54 -11.84
C THR A 10 -17.07 -17.94 -12.11
N GLN A 11 -17.96 -16.95 -12.24
CA GLN A 11 -19.35 -17.32 -12.51
C GLN A 11 -19.70 -17.04 -14.02
N HIS A 12 -18.74 -16.52 -14.81
CA HIS A 12 -18.88 -16.39 -16.26
C HIS A 12 -17.45 -16.31 -16.91
N PRO A 13 -17.30 -16.78 -18.18
CA PRO A 13 -15.96 -16.86 -18.81
C PRO A 13 -15.21 -15.52 -18.96
N GLY A 14 -15.95 -14.42 -19.08
CA GLY A 14 -15.38 -13.08 -19.21
C GLY A 14 -14.48 -12.73 -18.04
N GLU A 15 -14.83 -13.22 -16.84
CA GLU A 15 -14.05 -13.02 -15.61
C GLU A 15 -12.73 -13.77 -15.68
N LEU A 16 -12.74 -15.03 -16.14
CA LEU A 16 -11.56 -15.85 -16.25
C LEU A 16 -10.55 -15.24 -17.25
N ASP A 17 -11.04 -14.74 -18.40
CA ASP A 17 -10.21 -14.09 -19.41
C ASP A 17 -9.56 -12.83 -18.83
N TRP A 18 -10.35 -12.01 -18.10
CA TRP A 18 -9.92 -10.76 -17.45
C TRP A 18 -8.79 -11.05 -16.43
N LEU A 19 -8.97 -12.11 -15.64
CA LEU A 19 -7.95 -12.53 -14.67
C LEU A 19 -6.68 -13.01 -15.38
N GLN A 20 -6.80 -13.93 -16.37
CA GLN A 20 -5.69 -14.52 -17.11
C GLN A 20 -4.86 -13.48 -17.85
N ASN A 21 -5.52 -12.53 -18.52
CA ASN A 21 -4.87 -11.48 -19.30
C ASN A 21 -4.17 -10.47 -18.41
N SER A 22 -4.83 -10.06 -17.32
CA SER A 22 -4.28 -9.08 -16.38
C SER A 22 -3.07 -9.62 -15.62
N LEU A 23 -3.11 -10.93 -15.24
CA LEU A 23 -2.08 -11.52 -14.41
C LEU A 23 -1.05 -12.34 -15.18
N ALA A 24 -1.04 -12.24 -16.51
CA ALA A 24 -0.16 -12.98 -17.41
C ALA A 24 1.35 -12.83 -17.04
N SER A 25 1.77 -11.64 -16.65
CA SER A 25 3.16 -11.33 -16.23
C SER A 25 3.50 -11.94 -14.84
N ALA A 26 2.50 -12.12 -13.97
CA ALA A 26 2.66 -12.64 -12.60
C ALA A 26 2.60 -14.17 -12.53
N GLY A 27 1.88 -14.79 -13.43
CA GLY A 27 1.74 -16.24 -13.40
C GLY A 27 0.60 -16.75 -14.23
N GLN A 28 0.03 -17.90 -13.82
CA GLN A 28 -1.04 -18.64 -14.53
C GLN A 28 -2.32 -18.71 -13.73
N VAL A 29 -3.48 -18.48 -14.37
CA VAL A 29 -4.78 -18.53 -13.71
C VAL A 29 -5.42 -19.85 -14.13
N VAL A 30 -5.48 -20.79 -13.19
CA VAL A 30 -6.06 -22.12 -13.32
C VAL A 30 -7.54 -22.02 -13.00
N PRO A 31 -8.44 -22.39 -13.94
CA PRO A 31 -9.88 -22.39 -13.60
C PRO A 31 -10.22 -23.58 -12.70
N ALA A 32 -11.20 -23.44 -11.82
CA ALA A 32 -11.56 -24.56 -10.95
C ALA A 32 -12.96 -25.06 -11.26
N GLY A 33 -13.67 -24.29 -12.10
CA GLY A 33 -15.03 -24.59 -12.53
C GLY A 33 -16.01 -24.82 -11.40
N SER A 34 -16.73 -25.94 -11.49
CA SER A 34 -17.70 -26.42 -10.52
C SER A 34 -16.97 -27.39 -9.61
N ALA A 35 -16.37 -26.85 -8.53
CA ALA A 35 -15.56 -27.65 -7.63
C ALA A 35 -16.04 -27.60 -6.18
N SER A 36 -16.03 -28.78 -5.52
CA SER A 36 -16.35 -28.95 -4.11
C SER A 36 -15.16 -28.51 -3.27
N LEU A 37 -15.32 -28.41 -1.94
CA LEU A 37 -14.23 -27.99 -1.05
C LEU A 37 -13.05 -28.95 -1.16
N GLU A 38 -13.31 -30.26 -1.14
CA GLU A 38 -12.31 -31.33 -1.23
C GLU A 38 -11.55 -31.25 -2.57
N GLU A 39 -12.28 -31.08 -3.70
CA GLU A 39 -11.73 -30.95 -5.06
C GLU A 39 -10.87 -29.70 -5.18
N LEU A 40 -11.38 -28.58 -4.64
CA LEU A 40 -10.72 -27.28 -4.64
C LEU A 40 -9.42 -27.30 -3.82
N LEU A 41 -9.41 -28.01 -2.67
CA LEU A 41 -8.20 -28.13 -1.84
C LEU A 41 -7.14 -28.95 -2.57
N ALA A 42 -7.55 -30.01 -3.31
CA ALA A 42 -6.67 -30.86 -4.15
C ALA A 42 -6.02 -30.05 -5.26
N LEU A 43 -6.80 -29.15 -5.91
CA LEU A 43 -6.35 -28.29 -7.00
C LEU A 43 -5.39 -27.18 -6.49
N LEU A 44 -5.60 -26.67 -5.26
CA LEU A 44 -4.72 -25.68 -4.64
C LEU A 44 -3.39 -26.30 -4.32
N ASP A 45 -3.38 -27.57 -3.87
CA ASP A 45 -2.18 -28.31 -3.47
C ASP A 45 -1.32 -28.69 -4.67
N VAL A 46 -1.91 -29.21 -5.76
CA VAL A 46 -1.17 -29.66 -6.94
C VAL A 46 -0.56 -28.45 -7.70
N THR A 47 -1.25 -27.30 -7.72
CA THR A 47 -0.76 -26.09 -8.39
C THR A 47 0.08 -25.23 -7.44
N ALA A 48 0.12 -25.57 -6.13
CA ALA A 48 0.83 -24.85 -5.05
C ALA A 48 0.43 -23.33 -5.06
N ALA A 49 -0.86 -23.09 -5.30
CA ALA A 49 -1.48 -21.78 -5.38
C ALA A 49 -1.64 -21.16 -4.01
N GLY A 50 -1.25 -19.88 -3.90
CA GLY A 50 -1.35 -19.10 -2.67
C GLY A 50 -2.47 -18.07 -2.69
N VAL A 51 -3.06 -17.86 -3.91
CA VAL A 51 -4.16 -16.93 -4.13
C VAL A 51 -5.30 -17.65 -4.84
N LEU A 52 -6.54 -17.47 -4.32
CA LEU A 52 -7.76 -17.99 -4.90
C LEU A 52 -8.73 -16.85 -5.14
N PHE A 53 -9.21 -16.72 -6.39
CA PHE A 53 -10.21 -15.74 -6.79
C PHE A 53 -11.59 -16.41 -6.76
N ILE A 54 -12.57 -15.78 -6.12
CA ILE A 54 -13.92 -16.35 -6.06
C ILE A 54 -14.93 -15.23 -6.42
N SER A 55 -15.74 -15.49 -7.44
CA SER A 55 -16.75 -14.56 -7.92
C SER A 55 -18.01 -14.72 -7.06
N LEU A 56 -18.42 -13.62 -6.43
CA LEU A 56 -19.57 -13.54 -5.54
C LEU A 56 -20.67 -12.59 -6.05
N GLY A 57 -21.90 -13.01 -5.85
CA GLY A 57 -23.11 -12.28 -6.18
C GLY A 57 -24.20 -12.62 -5.19
N LYS A 58 -25.36 -11.94 -5.25
CA LYS A 58 -26.46 -12.19 -4.31
C LYS A 58 -27.02 -13.60 -4.42
N SER A 59 -27.04 -14.18 -5.65
CA SER A 59 -27.57 -15.51 -5.90
C SER A 59 -26.68 -16.65 -5.35
N ASN A 60 -25.33 -16.51 -5.39
CA ASN A 60 -24.44 -17.59 -4.94
C ASN A 60 -23.75 -17.32 -3.58
N LEU A 61 -23.99 -16.15 -2.97
CA LEU A 61 -23.35 -15.69 -1.74
C LEU A 61 -23.42 -16.70 -0.58
N VAL A 62 -24.57 -17.36 -0.35
CA VAL A 62 -24.74 -18.29 0.78
C VAL A 62 -23.82 -19.53 0.60
N SER A 63 -23.90 -20.24 -0.55
CA SER A 63 -23.10 -21.44 -0.80
C SER A 63 -21.60 -21.12 -0.99
N GLN A 64 -21.26 -20.03 -1.73
CA GLN A 64 -19.87 -19.65 -1.98
C GLN A 64 -19.21 -19.09 -0.71
N GLY A 65 -19.98 -18.38 0.11
CA GLY A 65 -19.52 -17.82 1.38
C GLY A 65 -19.10 -18.92 2.33
N ALA A 66 -19.91 -20.01 2.37
CA ALA A 66 -19.66 -21.21 3.16
C ALA A 66 -18.38 -21.92 2.69
N LEU A 67 -18.13 -21.90 1.36
CA LEU A 67 -16.94 -22.47 0.73
C LEU A 67 -15.69 -21.68 1.15
N VAL A 68 -15.75 -20.34 1.11
CA VAL A 68 -14.64 -19.47 1.55
C VAL A 68 -14.30 -19.80 3.01
N GLU A 69 -15.33 -19.95 3.88
CA GLU A 69 -15.20 -20.29 5.30
C GLU A 69 -14.44 -21.63 5.47
N GLY A 70 -14.81 -22.63 4.66
CA GLY A 70 -14.18 -23.95 4.64
C GLY A 70 -12.75 -23.95 4.17
N LEU A 71 -12.45 -23.18 3.10
CA LEU A 71 -11.11 -23.01 2.52
C LEU A 71 -10.15 -22.36 3.51
N VAL A 72 -10.58 -21.22 4.11
CA VAL A 72 -9.81 -20.42 5.06
C VAL A 72 -9.54 -21.28 6.35
N SER A 73 -10.49 -22.15 6.75
CA SER A 73 -10.29 -23.06 7.88
C SER A 73 -9.19 -24.08 7.58
N ALA A 74 -9.26 -24.69 6.39
CA ALA A 74 -8.33 -25.74 5.94
C ALA A 74 -6.95 -25.16 5.58
N ARG A 75 -6.91 -24.02 4.89
CA ARG A 75 -5.67 -23.36 4.46
C ARG A 75 -5.65 -21.91 5.00
N PRO A 76 -5.11 -21.71 6.22
CA PRO A 76 -5.17 -20.36 6.81
C PRO A 76 -4.26 -19.35 6.12
N MSE A 77 -3.21 -19.83 5.44
CA MSE A 77 -2.23 -18.98 4.75
C MSE A 77 -2.69 -18.58 3.33
O MSE A 77 -2.05 -17.74 2.70
CB MSE A 77 -0.87 -19.69 4.67
CG MSE A 77 -0.19 -19.90 6.05
SE MSE A 77 0.12 -18.25 7.12
CE MSE A 77 -1.61 -18.06 8.12
N LEU A 78 -3.80 -19.18 2.85
CA LEU A 78 -4.37 -18.91 1.54
C LEU A 78 -4.99 -17.51 1.50
N SER A 79 -4.69 -16.74 0.44
CA SER A 79 -5.29 -15.43 0.22
C SER A 79 -6.51 -15.59 -0.69
N VAL A 80 -7.71 -15.35 -0.15
CA VAL A 80 -8.93 -15.44 -0.93
C VAL A 80 -9.32 -14.00 -1.34
N VAL A 81 -9.41 -13.75 -2.65
CA VAL A 81 -9.80 -12.46 -3.23
C VAL A 81 -11.18 -12.61 -3.86
N ALA A 82 -12.16 -11.86 -3.35
CA ALA A 82 -13.53 -11.90 -3.90
C ALA A 82 -13.67 -10.98 -5.09
N ILE A 83 -14.50 -11.37 -6.05
CA ILE A 83 -14.81 -10.61 -7.27
C ILE A 83 -16.32 -10.36 -7.26
N GLY A 84 -16.72 -9.11 -7.18
CA GLY A 84 -18.13 -8.78 -7.15
C GLY A 84 -18.41 -7.31 -7.26
N ASP A 85 -19.69 -6.97 -7.11
CA ASP A 85 -20.22 -5.62 -7.19
C ASP A 85 -19.70 -4.74 -6.03
N GLY A 86 -18.85 -3.78 -6.38
CA GLY A 86 -18.25 -2.81 -5.45
C GLY A 86 -19.22 -1.79 -4.89
N LEU A 87 -20.44 -1.71 -5.48
CA LEU A 87 -21.49 -0.80 -5.02
C LEU A 87 -22.35 -1.44 -3.88
N ASP A 88 -22.19 -2.76 -3.65
CA ASP A 88 -22.94 -3.52 -2.65
C ASP A 88 -22.06 -3.67 -1.40
N ASN A 89 -22.30 -2.81 -0.39
CA ASN A 89 -21.56 -2.78 0.89
C ASN A 89 -21.78 -4.05 1.67
N GLN A 90 -23.03 -4.56 1.70
CA GLN A 90 -23.37 -5.79 2.41
C GLN A 90 -22.66 -6.99 1.80
N LEU A 91 -22.43 -7.00 0.45
CA LEU A 91 -21.71 -8.06 -0.26
C LEU A 91 -20.26 -8.04 0.14
N VAL A 92 -19.59 -6.86 0.08
CA VAL A 92 -18.19 -6.61 0.47
C VAL A 92 -18.00 -7.08 1.91
N LEU A 93 -18.93 -6.70 2.81
CA LEU A 93 -18.94 -7.09 4.22
C LEU A 93 -19.10 -8.60 4.42
N ALA A 94 -20.02 -9.26 3.70
CA ALA A 94 -20.23 -10.70 3.81
C ALA A 94 -18.97 -11.46 3.40
N ALA A 95 -18.32 -11.04 2.28
CA ALA A 95 -17.09 -11.62 1.73
C ALA A 95 -15.94 -11.55 2.74
N MSE A 96 -15.77 -10.37 3.37
CA MSE A 96 -14.75 -10.13 4.40
C MSE A 96 -15.00 -11.00 5.62
O MSE A 96 -14.04 -11.59 6.14
CB MSE A 96 -14.68 -8.65 4.81
CG MSE A 96 -14.44 -7.67 3.62
SE MSE A 96 -12.86 -7.90 2.45
CE MSE A 96 -11.49 -7.18 3.66
N ARG A 97 -16.27 -11.12 6.07
CA ARG A 97 -16.65 -11.97 7.20
C ARG A 97 -16.39 -13.45 6.90
N ALA A 98 -16.63 -13.91 5.65
CA ALA A 98 -16.41 -15.29 5.19
C ALA A 98 -14.91 -15.66 5.27
N GLY A 99 -14.02 -14.67 5.10
CA GLY A 99 -12.58 -14.86 5.16
C GLY A 99 -11.78 -14.30 4.00
N ALA A 100 -12.45 -13.63 3.04
CA ALA A 100 -11.77 -13.02 1.89
C ALA A 100 -10.92 -11.83 2.35
N ARG A 101 -9.64 -11.85 1.98
CA ARG A 101 -8.61 -10.87 2.32
C ARG A 101 -8.84 -9.54 1.57
N ASP A 102 -9.30 -9.63 0.30
N ASP A 102 -9.29 -9.59 0.29
CA ASP A 102 -9.52 -8.47 -0.56
CA ASP A 102 -9.60 -8.37 -0.47
C ASP A 102 -10.77 -8.67 -1.44
C ASP A 102 -10.81 -8.63 -1.40
N PHE A 103 -11.29 -7.57 -2.04
CA PHE A 103 -12.46 -7.53 -2.93
C PHE A 103 -12.19 -6.63 -4.13
N ILE A 104 -12.32 -7.18 -5.34
CA ILE A 104 -12.10 -6.44 -6.59
C ILE A 104 -13.36 -6.54 -7.44
N THR A 105 -13.57 -5.56 -8.31
CA THR A 105 -14.71 -5.57 -9.21
C THR A 105 -14.21 -5.98 -10.59
N TYR A 106 -14.98 -6.90 -11.20
CA TYR A 106 -14.72 -7.40 -12.54
C TYR A 106 -14.65 -6.23 -13.52
N GLY A 107 -13.58 -6.17 -14.29
CA GLY A 107 -13.35 -5.10 -15.25
C GLY A 107 -12.43 -4.02 -14.73
N ALA A 108 -11.84 -4.24 -13.56
CA ALA A 108 -10.89 -3.27 -12.99
C ALA A 108 -9.60 -3.28 -13.82
N ARG A 109 -8.86 -2.16 -13.84
CA ARG A 109 -7.59 -2.06 -14.59
C ARG A 109 -6.66 -3.22 -14.24
N ALA A 110 -5.89 -3.73 -15.23
CA ALA A 110 -4.94 -4.81 -15.01
C ALA A 110 -3.89 -4.47 -13.94
N SER A 111 -3.48 -3.18 -13.84
CA SER A 111 -2.49 -2.68 -12.88
C SER A 111 -3.00 -2.82 -11.43
N GLU A 112 -4.33 -2.86 -11.23
CA GLU A 112 -4.94 -3.03 -9.91
C GLU A 112 -4.78 -4.46 -9.46
N LEU A 113 -4.82 -5.42 -10.40
CA LEU A 113 -4.68 -6.85 -10.14
C LEU A 113 -3.23 -7.21 -9.89
N THR A 114 -2.28 -6.69 -10.71
CA THR A 114 -0.83 -6.95 -10.54
C THR A 114 -0.34 -6.29 -9.25
N GLY A 115 -0.92 -5.14 -8.91
CA GLY A 115 -0.62 -4.40 -7.69
C GLY A 115 -1.02 -5.19 -6.46
N LEU A 116 -2.22 -5.77 -6.48
CA LEU A 116 -2.76 -6.61 -5.42
C LEU A 116 -1.89 -7.86 -5.20
N ILE A 117 -1.46 -8.53 -6.28
CA ILE A 117 -0.62 -9.74 -6.23
C ILE A 117 0.75 -9.39 -5.66
N ARG A 118 1.32 -8.23 -6.03
CA ARG A 118 2.57 -7.72 -5.44
C ARG A 118 2.48 -7.59 -3.93
N ARG A 119 1.37 -6.91 -3.48
CA ARG A 119 1.09 -6.62 -2.08
C ARG A 119 0.92 -7.90 -1.28
N LEU A 120 0.15 -8.87 -1.82
CA LEU A 120 -0.10 -10.16 -1.17
C LEU A 120 1.18 -11.01 -1.09
N GLY A 121 2.10 -10.83 -2.04
CA GLY A 121 3.39 -11.53 -2.07
C GLY A 121 4.37 -11.00 -1.05
N GLY A 122 4.34 -9.67 -0.84
CA GLY A 122 5.20 -8.97 0.12
C GLY A 122 4.79 -9.11 1.57
N ARG A 123 3.62 -9.72 1.82
CA ARG A 123 2.96 -9.95 3.11
C ARG A 123 3.68 -10.98 4.01
N LEU A 124 4.24 -12.05 3.44
CA LEU A 124 4.84 -13.10 4.27
C LEU A 124 6.27 -13.46 3.88
N PRO A 125 7.11 -13.86 4.88
CA PRO A 125 8.47 -14.34 4.58
C PRO A 125 8.47 -15.53 3.62
N SER A 126 9.55 -15.63 2.82
CA SER A 126 9.79 -16.66 1.81
C SER A 126 10.37 -17.92 2.47
N VAL A 127 11.52 -17.82 3.17
CA VAL A 127 12.17 -18.97 3.80
C VAL A 127 11.27 -19.48 4.96
N PRO A 128 10.74 -20.74 4.85
CA PRO A 128 9.85 -21.27 5.90
C PRO A 128 10.63 -21.97 7.03
N MSE B 2 -10.66 9.97 11.58
N MSE B 2 -10.17 12.10 12.03
CA MSE B 2 -10.16 11.08 12.41
CA MSE B 2 -10.36 10.65 12.23
C MSE B 2 -9.72 10.56 13.79
C MSE B 2 -9.78 10.20 13.59
O MSE B 2 -8.53 10.67 14.09
O MSE B 2 -8.56 10.07 13.71
CB MSE B 2 -11.22 12.21 12.57
CB MSE B 2 -9.72 9.86 11.06
CG MSE B 2 -10.65 13.62 12.80
CG MSE B 2 -10.66 8.88 10.37
SE MSE B 2 -11.49 14.66 14.27
SE MSE B 2 -11.12 7.26 11.34
CE MSE B 2 -13.39 14.41 13.86
CE MSE B 2 -13.06 7.49 11.43
N ASN B 3 -10.64 9.98 14.61
CA ASN B 3 -10.22 9.56 15.97
C ASN B 3 -10.81 8.24 16.45
N GLN B 4 -9.98 7.43 17.14
CA GLN B 4 -10.35 6.14 17.68
C GLN B 4 -9.42 5.67 18.82
N ASN B 5 -9.86 4.63 19.54
CA ASN B 5 -9.08 4.01 20.61
C ASN B 5 -8.41 2.77 20.09
N PHE B 6 -7.16 2.58 20.49
CA PHE B 6 -6.35 1.40 20.19
C PHE B 6 -5.98 0.74 21.50
N VAL B 7 -5.91 -0.59 21.53
CA VAL B 7 -5.54 -1.31 22.75
C VAL B 7 -4.16 -1.88 22.51
N ALA B 8 -3.28 -1.82 23.53
CA ALA B 8 -1.92 -2.32 23.39
C ALA B 8 -1.52 -3.24 24.54
N LEU B 9 -0.98 -4.40 24.15
CA LEU B 9 -0.37 -5.42 25.00
C LEU B 9 1.11 -5.35 24.74
N THR B 10 1.82 -4.54 25.52
CA THR B 10 3.25 -4.28 25.36
C THR B 10 4.04 -5.11 26.36
N GLN B 11 5.30 -5.44 26.02
CA GLN B 11 6.10 -6.21 26.98
C GLN B 11 7.16 -5.29 27.66
N HIS B 12 7.20 -3.99 27.32
CA HIS B 12 8.00 -2.98 28.03
C HIS B 12 7.40 -1.58 27.75
N PRO B 13 7.51 -0.62 28.72
CA PRO B 13 6.84 0.69 28.59
C PRO B 13 7.28 1.55 27.39
N GLY B 14 8.51 1.35 26.91
CA GLY B 14 9.02 2.07 25.74
C GLY B 14 8.16 1.85 24.50
N GLU B 15 7.56 0.65 24.38
CA GLU B 15 6.66 0.28 23.28
C GLU B 15 5.37 1.06 23.37
N LEU B 16 4.79 1.17 24.57
CA LEU B 16 3.55 1.91 24.78
C LEU B 16 3.73 3.40 24.43
N ASP B 17 4.85 4.02 24.85
CA ASP B 17 5.17 5.42 24.56
CA ASP B 17 5.20 5.41 24.58
C ASP B 17 5.31 5.63 23.06
N TRP B 18 6.01 4.71 22.35
CA TRP B 18 6.24 4.73 20.90
C TRP B 18 4.89 4.66 20.17
N LEU B 19 3.98 3.77 20.60
CA LEU B 19 2.65 3.66 20.01
C LEU B 19 1.82 4.93 20.24
N GLN B 20 1.78 5.45 21.50
CA GLN B 20 1.02 6.64 21.90
C GLN B 20 1.47 7.87 21.14
N ASN B 21 2.79 8.07 21.03
CA ASN B 21 3.39 9.24 20.35
C ASN B 21 3.18 9.19 18.84
N SER B 22 3.37 8.01 18.24
CA SER B 22 3.20 7.81 16.80
C SER B 22 1.75 7.97 16.35
N LEU B 23 0.79 7.48 17.17
CA LEU B 23 -0.60 7.46 16.79
C LEU B 23 -1.42 8.59 17.39
N ALA B 24 -0.78 9.57 18.03
CA ALA B 24 -1.43 10.70 18.73
C ALA B 24 -2.46 11.45 17.82
N SER B 25 -2.14 11.63 16.52
CA SER B 25 -2.99 12.29 15.53
C SER B 25 -4.18 11.41 15.09
N ALA B 26 -4.09 10.10 15.25
CA ALA B 26 -5.12 9.14 14.84
C ALA B 26 -6.07 8.79 16.00
N GLY B 27 -5.62 8.90 17.23
CA GLY B 27 -6.42 8.53 18.38
C GLY B 27 -5.64 8.30 19.66
N GLN B 28 -6.13 7.43 20.55
CA GLN B 28 -5.59 7.12 21.89
C GLN B 28 -5.17 5.67 22.03
N VAL B 29 -4.03 5.41 22.65
CA VAL B 29 -3.52 4.04 22.84
C VAL B 29 -3.74 3.70 24.31
N VAL B 30 -4.66 2.74 24.53
CA VAL B 30 -5.04 2.30 25.85
C VAL B 30 -4.22 1.04 26.23
N PRO B 31 -3.36 1.12 27.27
CA PRO B 31 -2.65 -0.08 27.72
C PRO B 31 -3.60 -1.09 28.33
N ALA B 32 -3.36 -2.37 28.09
CA ALA B 32 -4.19 -3.44 28.62
C ALA B 32 -3.46 -4.24 29.68
N GLY B 33 -2.16 -3.96 29.81
CA GLY B 33 -1.27 -4.58 30.78
C GLY B 33 -1.27 -6.09 30.75
N SER B 34 -1.46 -6.69 31.93
CA SER B 34 -1.54 -8.13 32.11
C SER B 34 -3.02 -8.48 32.15
N ALA B 35 -3.56 -8.76 30.95
CA ALA B 35 -5.00 -9.00 30.80
C ALA B 35 -5.29 -10.35 30.21
N SER B 36 -6.33 -11.02 30.75
CA SER B 36 -6.83 -12.31 30.28
C SER B 36 -7.69 -12.07 29.04
N LEU B 37 -8.09 -13.14 28.32
CA LEU B 37 -8.91 -13.00 27.12
C LEU B 37 -10.24 -12.30 27.45
N GLU B 38 -10.90 -12.72 28.54
CA GLU B 38 -12.18 -12.18 29.01
C GLU B 38 -12.05 -10.69 29.36
N GLU B 39 -10.98 -10.32 30.09
CA GLU B 39 -10.69 -8.94 30.50
C GLU B 39 -10.40 -8.06 29.30
N LEU B 40 -9.62 -8.59 28.36
CA LEU B 40 -9.21 -7.93 27.12
C LEU B 40 -10.42 -7.67 26.22
N LEU B 41 -11.37 -8.62 26.15
CA LEU B 41 -12.58 -8.47 25.34
C LEU B 41 -13.48 -7.37 25.93
N ALA B 42 -13.54 -7.27 27.27
CA ALA B 42 -14.29 -6.25 27.99
C ALA B 42 -13.73 -4.86 27.69
N LEU B 43 -12.39 -4.76 27.66
CA LEU B 43 -11.67 -3.51 27.41
C LEU B 43 -11.85 -3.07 25.94
N LEU B 44 -11.83 -4.02 25.00
CA LEU B 44 -12.04 -3.75 23.59
C LEU B 44 -13.42 -3.15 23.34
N ASP B 45 -14.43 -3.70 24.05
CA ASP B 45 -15.83 -3.31 23.95
C ASP B 45 -16.10 -1.91 24.55
N VAL B 46 -15.51 -1.61 25.75
CA VAL B 46 -15.69 -0.35 26.50
C VAL B 46 -14.92 0.82 25.81
N THR B 47 -13.88 0.50 25.02
CA THR B 47 -13.10 1.51 24.29
C THR B 47 -13.56 1.59 22.84
N ALA B 48 -14.35 0.60 22.36
CA ALA B 48 -14.85 0.48 20.98
C ALA B 48 -13.66 0.45 19.98
N ALA B 49 -12.60 -0.22 20.42
CA ALA B 49 -11.35 -0.36 19.68
C ALA B 49 -11.46 -1.38 18.55
N GLY B 50 -10.97 -1.00 17.36
CA GLY B 50 -10.96 -1.85 16.18
C GLY B 50 -9.60 -2.42 15.85
N VAL B 51 -8.55 -1.90 16.55
CA VAL B 51 -7.16 -2.32 16.40
C VAL B 51 -6.58 -2.66 17.77
N LEU B 52 -5.89 -3.82 17.85
CA LEU B 52 -5.17 -4.28 19.02
C LEU B 52 -3.71 -4.53 18.65
N PHE B 53 -2.79 -3.92 19.40
CA PHE B 53 -1.34 -4.11 19.24
C PHE B 53 -0.87 -5.13 20.27
N ILE B 54 -0.12 -6.16 19.83
CA ILE B 54 0.38 -7.19 20.75
C ILE B 54 1.88 -7.38 20.48
N SER B 55 2.69 -7.23 21.52
CA SER B 55 4.13 -7.39 21.46
C SER B 55 4.48 -8.88 21.60
N LEU B 56 5.17 -9.42 20.58
CA LEU B 56 5.58 -10.82 20.48
C LEU B 56 7.09 -10.99 20.44
N GLY B 57 7.55 -12.01 21.15
CA GLY B 57 8.95 -12.41 21.25
C GLY B 57 9.01 -13.92 21.39
N LYS B 58 10.22 -14.51 21.32
CA LYS B 58 10.38 -15.96 21.43
C LYS B 58 9.90 -16.50 22.81
N SER B 59 10.09 -15.73 23.89
CA SER B 59 9.73 -16.13 25.24
C SER B 59 8.20 -16.13 25.49
N ASN B 60 7.43 -15.20 24.88
CA ASN B 60 5.98 -15.13 25.14
C ASN B 60 5.11 -15.62 23.96
N LEU B 61 5.73 -16.05 22.85
CA LEU B 61 5.06 -16.44 21.60
C LEU B 61 3.98 -17.51 21.80
N VAL B 62 4.21 -18.53 22.65
CA VAL B 62 3.25 -19.62 22.83
C VAL B 62 1.95 -19.10 23.51
N SER B 63 2.06 -18.43 24.68
CA SER B 63 0.91 -17.90 25.42
C SER B 63 0.23 -16.73 24.70
N GLN B 64 1.00 -15.79 24.12
CA GLN B 64 0.43 -14.63 23.42
C GLN B 64 -0.20 -15.03 22.09
N GLY B 65 0.39 -16.03 21.41
CA GLY B 65 -0.12 -16.57 20.15
C GLY B 65 -1.49 -17.18 20.35
N ALA B 66 -1.65 -17.92 21.46
CA ALA B 66 -2.92 -18.55 21.86
C ALA B 66 -3.97 -17.48 22.16
N LEU B 67 -3.55 -16.34 22.74
CA LEU B 67 -4.41 -15.20 23.06
C LEU B 67 -4.92 -14.55 21.76
N VAL B 68 -4.03 -14.35 20.75
CA VAL B 68 -4.40 -13.79 19.45
C VAL B 68 -5.46 -14.69 18.82
N GLU B 69 -5.25 -16.02 18.87
CA GLU B 69 -6.18 -17.03 18.36
C GLU B 69 -7.58 -16.89 19.00
N GLY B 70 -7.61 -16.68 20.32
CA GLY B 70 -8.83 -16.48 21.09
C GLY B 70 -9.55 -15.18 20.77
N LEU B 71 -8.78 -14.09 20.58
CA LEU B 71 -9.26 -12.76 20.22
C LEU B 71 -9.90 -12.73 18.85
N VAL B 72 -9.22 -13.31 17.87
CA VAL B 72 -9.63 -13.39 16.47
C VAL B 72 -10.90 -14.29 16.37
N SER B 73 -10.97 -15.38 17.20
CA SER B 73 -12.14 -16.25 17.25
C SER B 73 -13.37 -15.52 17.83
N ALA B 74 -13.18 -14.66 18.86
CA ALA B 74 -14.27 -13.90 19.51
C ALA B 74 -14.67 -12.65 18.71
N ARG B 75 -13.68 -11.91 18.18
CA ARG B 75 -13.92 -10.70 17.40
C ARG B 75 -13.25 -10.87 16.02
N PRO B 76 -13.99 -11.40 15.03
CA PRO B 76 -13.36 -11.69 13.72
C PRO B 76 -13.01 -10.42 12.94
N MSE B 77 -13.72 -9.31 13.20
CA MSE B 77 -13.50 -8.04 12.49
C MSE B 77 -12.38 -7.19 13.15
O MSE B 77 -12.01 -6.16 12.58
CB MSE B 77 -14.80 -7.22 12.42
CG MSE B 77 -15.92 -7.87 11.57
SE MSE B 77 -15.46 -8.29 9.67
CE MSE B 77 -14.84 -10.13 9.87
N LEU B 78 -11.85 -7.63 14.31
CA LEU B 78 -10.75 -6.95 15.01
C LEU B 78 -9.45 -7.10 14.23
N SER B 79 -8.69 -5.99 14.09
CA SER B 79 -7.38 -6.00 13.43
C SER B 79 -6.31 -6.15 14.49
N VAL B 80 -5.60 -7.30 14.50
CA VAL B 80 -4.53 -7.54 15.47
C VAL B 80 -3.21 -7.27 14.75
N VAL B 81 -2.41 -6.31 15.27
CA VAL B 81 -1.11 -5.93 14.73
C VAL B 81 -0.02 -6.38 15.71
N ALA B 82 0.87 -7.28 15.26
CA ALA B 82 1.97 -7.76 16.09
C ALA B 82 3.16 -6.79 16.04
N ILE B 83 3.88 -6.71 17.18
CA ILE B 83 5.08 -5.88 17.36
C ILE B 83 6.20 -6.82 17.75
N GLY B 84 7.32 -6.73 17.07
CA GLY B 84 8.43 -7.63 17.35
C GLY B 84 9.56 -7.58 16.37
N ASP B 85 10.47 -8.53 16.51
CA ASP B 85 11.69 -8.63 15.73
C ASP B 85 11.41 -8.99 14.24
N GLY B 86 11.63 -7.99 13.39
CA GLY B 86 11.50 -8.09 11.94
C GLY B 86 12.56 -8.94 11.25
N LEU B 87 13.62 -9.30 11.99
CA LEU B 87 14.71 -10.14 11.48
C LEU B 87 14.39 -11.63 11.67
N ASP B 88 13.36 -11.92 12.47
CA ASP B 88 12.93 -13.28 12.80
C ASP B 88 11.73 -13.69 11.91
N ASN B 89 12.02 -14.38 10.81
CA ASN B 89 11.03 -14.87 9.85
C ASN B 89 10.02 -15.82 10.48
N GLN B 90 10.49 -16.76 11.33
CA GLN B 90 9.60 -17.71 11.98
C GLN B 90 8.60 -17.00 12.92
N LEU B 91 8.98 -15.87 13.56
CA LEU B 91 8.14 -15.07 14.45
C LEU B 91 7.05 -14.37 13.65
N VAL B 92 7.42 -13.79 12.49
CA VAL B 92 6.53 -13.08 11.56
C VAL B 92 5.47 -14.08 11.06
N LEU B 93 5.91 -15.28 10.63
CA LEU B 93 5.03 -16.33 10.14
C LEU B 93 4.05 -16.80 11.22
N ALA B 94 4.56 -17.04 12.45
CA ALA B 94 3.77 -17.49 13.59
C ALA B 94 2.68 -16.49 13.94
N ALA B 95 3.03 -15.19 13.99
CA ALA B 95 2.11 -14.10 14.30
C ALA B 95 0.97 -14.05 13.28
N MSE B 96 1.30 -14.24 11.98
CA MSE B 96 0.34 -14.26 10.87
C MSE B 96 -0.58 -15.48 10.97
O MSE B 96 -1.79 -15.34 10.75
CB MSE B 96 1.07 -14.28 9.50
CG MSE B 96 2.05 -13.09 9.27
SE MSE B 96 1.34 -11.28 9.31
CE MSE B 96 1.75 -10.79 11.15
N ARG B 97 -0.02 -16.63 11.36
CA ARG B 97 -0.74 -17.89 11.49
C ARG B 97 -1.75 -17.84 12.64
N ALA B 98 -1.39 -17.13 13.74
CA ALA B 98 -2.22 -16.97 14.93
C ALA B 98 -3.41 -16.02 14.68
N GLY B 99 -3.33 -15.23 13.61
CA GLY B 99 -4.41 -14.33 13.21
C GLY B 99 -4.09 -12.85 13.11
N ALA B 100 -2.82 -12.47 13.36
CA ALA B 100 -2.40 -11.07 13.23
C ALA B 100 -2.41 -10.64 11.76
N ARG B 101 -3.04 -9.50 11.49
CA ARG B 101 -3.23 -8.92 10.16
C ARG B 101 -1.92 -8.28 9.66
N ASP B 102 -1.11 -7.70 10.57
CA ASP B 102 0.15 -7.05 10.22
C ASP B 102 1.21 -7.24 11.33
N PHE B 103 2.47 -6.92 10.98
CA PHE B 103 3.64 -7.02 11.83
C PHE B 103 4.53 -5.80 11.67
N ILE B 104 4.78 -5.08 12.75
CA ILE B 104 5.63 -3.87 12.76
C ILE B 104 6.76 -4.08 13.78
N THR B 105 7.89 -3.43 13.57
CA THR B 105 9.01 -3.56 14.50
C THR B 105 9.03 -2.31 15.39
N TYR B 106 9.26 -2.53 16.69
CA TYR B 106 9.34 -1.46 17.67
C TYR B 106 10.42 -0.46 17.26
N GLY B 107 10.05 0.81 17.30
CA GLY B 107 10.92 1.91 16.92
C GLY B 107 10.78 2.32 15.47
N ALA B 108 9.85 1.70 14.70
CA ALA B 108 9.56 2.08 13.31
C ALA B 108 9.10 3.55 13.22
N ARG B 109 9.33 4.21 12.08
CA ARG B 109 8.95 5.60 11.80
C ARG B 109 7.42 5.78 12.08
N ALA B 110 7.03 6.91 12.69
CA ALA B 110 5.63 7.18 13.04
C ALA B 110 4.69 7.12 11.83
N SER B 111 5.17 7.56 10.63
CA SER B 111 4.42 7.57 9.37
C SER B 111 4.02 6.15 8.93
N GLU B 112 4.78 5.13 9.33
CA GLU B 112 4.49 3.74 9.06
C GLU B 112 3.27 3.28 9.83
N LEU B 113 3.14 3.76 11.09
CA LEU B 113 2.06 3.42 12.00
C LEU B 113 0.78 4.11 11.58
N THR B 114 0.84 5.42 11.27
CA THR B 114 -0.33 6.19 10.83
C THR B 114 -0.82 5.67 9.46
N GLY B 115 0.12 5.25 8.60
CA GLY B 115 -0.17 4.68 7.29
C GLY B 115 -0.94 3.38 7.40
N LEU B 116 -0.51 2.51 8.33
CA LEU B 116 -1.12 1.23 8.64
C LEU B 116 -2.55 1.42 9.15
N ILE B 117 -2.78 2.38 10.02
CA ILE B 117 -4.11 2.66 10.60
C ILE B 117 -5.04 3.16 9.50
N ARG B 118 -4.55 4.00 8.55
CA ARG B 118 -5.34 4.49 7.41
C ARG B 118 -5.74 3.31 6.52
N ARG B 119 -4.80 2.37 6.24
CA ARG B 119 -5.02 1.17 5.40
C ARG B 119 -6.07 0.25 6.04
N LEU B 120 -5.95 -0.01 7.35
CA LEU B 120 -6.86 -0.86 8.09
C LEU B 120 -8.27 -0.24 8.19
N GLY B 121 -8.35 1.09 8.15
CA GLY B 121 -9.61 1.82 8.17
C GLY B 121 -10.35 1.75 6.84
N GLY B 122 -9.59 1.79 5.75
CA GLY B 122 -10.08 1.71 4.39
C GLY B 122 -10.47 0.34 3.88
N ARG B 123 -10.22 -0.71 4.69
CA ARG B 123 -10.45 -2.13 4.43
C ARG B 123 -11.92 -2.55 4.41
N LEU B 124 -12.77 -1.87 5.22
CA LEU B 124 -14.19 -2.28 5.30
C LEU B 124 -15.17 -1.14 5.06
N PRO B 125 -16.39 -1.48 4.55
CA PRO B 125 -17.43 -0.44 4.39
C PRO B 125 -17.86 0.13 5.75
N SER B 126 -18.18 1.44 5.78
CA SER B 126 -18.63 2.20 6.96
C SER B 126 -20.01 1.78 7.38
N VAL B 127 -21.01 1.75 6.45
CA VAL B 127 -22.40 1.38 6.76
C VAL B 127 -22.41 -0.11 7.18
N PRO B 128 -22.81 -0.42 8.46
CA PRO B 128 -22.74 -1.81 8.95
C PRO B 128 -23.97 -2.64 8.60
N VAL B 129 -23.86 -3.98 8.86
CA VAL B 129 -24.87 -5.03 8.60
C VAL B 129 -26.10 -4.83 9.48
N MSE C 2 12.34 -15.00 -16.05
N MSE C 2 13.60 -15.22 -17.14
CA MSE C 2 13.58 -15.72 -16.42
CA MSE C 2 12.67 -14.36 -16.41
C MSE C 2 14.84 -15.05 -15.77
C MSE C 2 13.47 -13.21 -15.72
O MSE C 2 15.94 -15.63 -15.81
O MSE C 2 13.04 -12.05 -15.75
CB MSE C 2 13.70 -15.81 -17.95
CB MSE C 2 11.86 -15.19 -15.38
CG MSE C 2 14.69 -16.84 -18.41
CG MSE C 2 10.63 -14.50 -14.83
SE MSE C 2 14.37 -17.37 -20.21
SE MSE C 2 10.53 -14.52 -12.87
CE MSE C 2 15.87 -18.47 -20.34
CE MSE C 2 10.56 -16.45 -12.53
N ASN C 3 14.65 -13.85 -15.14
N ASN C 3 14.64 -13.58 -15.12
CA ASN C 3 15.55 -13.01 -14.30
CA ASN C 3 15.54 -12.72 -14.33
C ASN C 3 17.00 -12.80 -14.86
C ASN C 3 16.97 -12.58 -14.92
N GLN C 4 17.28 -13.21 -16.10
CA GLN C 4 18.61 -13.04 -16.74
C GLN C 4 18.83 -11.52 -17.12
N ASN C 5 20.07 -11.10 -17.51
CA ASN C 5 20.33 -9.66 -17.68
C ASN C 5 20.69 -9.21 -19.09
N PHE C 6 20.05 -8.10 -19.51
CA PHE C 6 20.28 -7.40 -20.77
C PHE C 6 20.73 -5.98 -20.46
N VAL C 7 21.60 -5.41 -21.30
CA VAL C 7 22.08 -4.05 -21.10
C VAL C 7 21.45 -3.16 -22.20
N ALA C 8 21.06 -1.91 -21.84
CA ALA C 8 20.45 -1.01 -22.80
C ALA C 8 21.08 0.39 -22.76
N LEU C 9 21.31 0.92 -23.97
CA LEU C 9 21.79 2.27 -24.30
C LEU C 9 20.66 2.99 -25.05
N THR C 10 19.91 3.82 -24.34
CA THR C 10 18.76 4.49 -24.93
C THR C 10 19.05 5.98 -25.14
N GLN C 11 18.39 6.59 -26.15
CA GLN C 11 18.51 8.03 -26.43
C GLN C 11 17.18 8.75 -25.98
N HIS C 12 16.13 7.97 -25.56
CA HIS C 12 14.81 8.47 -25.09
C HIS C 12 14.38 7.68 -23.79
N PRO C 13 13.60 8.27 -22.83
CA PRO C 13 13.34 7.55 -21.53
C PRO C 13 12.16 6.56 -21.52
N GLY C 14 11.36 6.61 -22.58
CA GLY C 14 10.20 5.78 -22.85
C GLY C 14 10.64 4.50 -23.52
N GLU C 15 11.87 4.52 -24.10
CA GLU C 15 12.53 3.39 -24.73
C GLU C 15 12.83 2.31 -23.71
N LEU C 16 13.40 2.70 -22.54
CA LEU C 16 13.78 1.80 -21.47
C LEU C 16 12.54 1.08 -20.86
N ASP C 17 11.44 1.82 -20.64
CA ASP C 17 10.20 1.26 -20.09
C ASP C 17 9.62 0.23 -21.04
N TRP C 18 9.58 0.56 -22.32
CA TRP C 18 9.11 -0.28 -23.41
C TRP C 18 9.93 -1.58 -23.46
N LEU C 19 11.28 -1.50 -23.36
CA LEU C 19 12.15 -2.67 -23.35
C LEU C 19 11.91 -3.54 -22.11
N GLN C 20 11.89 -2.94 -20.91
CA GLN C 20 11.73 -3.65 -19.64
C GLN C 20 10.40 -4.42 -19.58
N ASN C 21 9.31 -3.76 -20.01
CA ASN C 21 7.95 -4.32 -19.97
C ASN C 21 7.79 -5.43 -21.01
N SER C 22 8.30 -5.21 -22.23
CA SER C 22 8.19 -6.16 -23.32
C SER C 22 9.02 -7.41 -23.12
N LEU C 23 10.23 -7.27 -22.54
CA LEU C 23 11.15 -8.40 -22.40
C LEU C 23 11.12 -9.04 -21.03
N ALA C 24 10.17 -8.63 -20.16
CA ALA C 24 10.02 -9.07 -18.77
C ALA C 24 10.08 -10.61 -18.61
N SER C 25 9.47 -11.37 -19.55
CA SER C 25 9.45 -12.84 -19.51
C SER C 25 10.83 -13.46 -19.81
N ALA C 26 11.65 -12.75 -20.61
CA ALA C 26 12.96 -13.19 -21.09
C ALA C 26 14.09 -12.84 -20.09
N GLY C 27 13.93 -11.71 -19.40
CA GLY C 27 14.90 -11.25 -18.40
C GLY C 27 14.75 -9.80 -18.01
N GLN C 28 15.69 -9.30 -17.19
CA GLN C 28 15.79 -7.90 -16.74
C GLN C 28 16.62 -7.04 -17.73
N VAL C 29 16.27 -5.73 -17.89
CA VAL C 29 16.94 -4.77 -18.79
C VAL C 29 17.63 -3.69 -17.91
N VAL C 30 18.96 -3.72 -17.89
CA VAL C 30 19.80 -2.82 -17.10
C VAL C 30 20.22 -1.61 -17.95
N PRO C 31 19.76 -0.38 -17.62
CA PRO C 31 20.24 0.82 -18.35
C PRO C 31 21.73 1.09 -18.09
N ALA C 32 22.47 1.47 -19.14
CA ALA C 32 23.92 1.72 -19.07
C ALA C 32 24.24 3.21 -19.18
N GLY C 33 23.22 3.99 -19.53
CA GLY C 33 23.26 5.44 -19.67
C GLY C 33 24.37 5.96 -20.58
N SER C 34 25.15 6.90 -20.05
CA SER C 34 26.30 7.48 -20.73
C SER C 34 27.55 6.69 -20.32
N ALA C 35 27.86 5.65 -21.09
CA ALA C 35 28.98 4.76 -20.81
C ALA C 35 29.92 4.67 -22.01
N SER C 36 31.24 4.68 -21.72
CA SER C 36 32.30 4.52 -22.73
C SER C 36 32.43 3.04 -23.09
N LEU C 37 33.22 2.71 -24.12
CA LEU C 37 33.40 1.33 -24.53
C LEU C 37 33.98 0.48 -23.39
N GLU C 38 35.02 1.00 -22.70
CA GLU C 38 35.71 0.36 -21.58
C GLU C 38 34.75 0.09 -20.42
N GLU C 39 33.94 1.10 -20.04
CA GLU C 39 32.93 1.04 -18.97
C GLU C 39 31.84 0.01 -19.30
N LEU C 40 31.35 0.07 -20.56
CA LEU C 40 30.32 -0.79 -21.10
C LEU C 40 30.79 -2.25 -21.14
N LEU C 41 32.07 -2.52 -21.50
CA LEU C 41 32.63 -3.88 -21.53
C LEU C 41 32.71 -4.45 -20.13
N ALA C 42 33.05 -3.62 -19.13
CA ALA C 42 33.10 -4.01 -17.71
C ALA C 42 31.72 -4.44 -17.21
N LEU C 43 30.67 -3.67 -17.60
CA LEU C 43 29.29 -3.93 -17.21
C LEU C 43 28.79 -5.23 -17.85
N LEU C 44 29.12 -5.48 -19.13
CA LEU C 44 28.72 -6.69 -19.85
C LEU C 44 29.33 -7.95 -19.25
N ASP C 45 30.60 -7.83 -18.79
CA ASP C 45 31.34 -8.93 -18.19
C ASP C 45 30.80 -9.34 -16.82
N VAL C 46 30.56 -8.35 -15.93
CA VAL C 46 30.13 -8.63 -14.56
C VAL C 46 28.65 -9.11 -14.55
N THR C 47 27.82 -8.62 -15.49
CA THR C 47 26.41 -9.03 -15.58
C THR C 47 26.25 -10.33 -16.37
N ALA C 48 27.32 -10.73 -17.10
CA ALA C 48 27.38 -11.90 -18.01
C ALA C 48 26.25 -11.78 -19.06
N ALA C 49 26.02 -10.52 -19.50
CA ALA C 49 25.01 -10.15 -20.48
C ALA C 49 25.47 -10.57 -21.86
N GLY C 50 24.59 -11.27 -22.56
CA GLY C 50 24.86 -11.73 -23.90
C GLY C 50 24.17 -10.88 -24.94
N VAL C 51 23.28 -9.96 -24.50
CA VAL C 51 22.50 -9.10 -25.37
C VAL C 51 22.63 -7.65 -24.91
N LEU C 52 22.91 -6.75 -25.88
CA LEU C 52 22.96 -5.30 -25.72
C LEU C 52 21.96 -4.65 -26.63
N PHE C 53 21.12 -3.77 -26.08
CA PHE C 53 20.18 -2.95 -26.85
C PHE C 53 20.77 -1.56 -27.00
N ILE C 54 20.84 -1.06 -28.24
CA ILE C 54 21.41 0.25 -28.52
C ILE C 54 20.44 1.03 -29.43
N SER C 55 20.09 2.25 -29.02
CA SER C 55 19.17 3.10 -29.74
C SER C 55 19.91 3.84 -30.84
N LEU C 56 19.49 3.63 -32.11
CA LEU C 56 20.10 4.22 -33.31
C LEU C 56 19.13 5.12 -34.05
N GLY C 57 19.65 6.28 -34.42
CA GLY C 57 18.92 7.27 -35.17
C GLY C 57 19.87 7.99 -36.09
N LYS C 58 19.36 8.99 -36.80
CA LYS C 58 20.10 9.75 -37.77
C LYS C 58 21.13 10.61 -37.10
N SER C 59 20.84 11.23 -35.95
CA SER C 59 21.77 12.13 -35.26
C SER C 59 22.90 11.41 -34.52
N ASN C 60 22.68 10.20 -33.97
CA ASN C 60 23.76 9.54 -33.23
C ASN C 60 24.42 8.36 -34.03
N LEU C 61 24.10 8.24 -35.32
CA LEU C 61 24.55 7.13 -36.17
C LEU C 61 26.08 6.93 -36.18
N VAL C 62 26.86 8.01 -36.36
CA VAL C 62 28.31 7.88 -36.49
C VAL C 62 28.94 7.39 -35.17
N SER C 63 28.65 8.04 -34.03
CA SER C 63 29.28 7.72 -32.76
C SER C 63 28.79 6.37 -32.19
N GLN C 64 27.47 6.07 -32.29
CA GLN C 64 26.93 4.82 -31.76
C GLN C 64 27.32 3.63 -32.61
N GLY C 65 27.42 3.84 -33.93
CA GLY C 65 27.85 2.84 -34.90
C GLY C 65 29.26 2.38 -34.60
N ALA C 66 30.15 3.36 -34.29
CA ALA C 66 31.55 3.14 -33.90
C ALA C 66 31.63 2.32 -32.61
N LEU C 67 30.71 2.57 -31.67
CA LEU C 67 30.61 1.88 -30.39
C LEU C 67 30.21 0.42 -30.61
N VAL C 68 29.21 0.16 -31.48
CA VAL C 68 28.78 -1.20 -31.84
C VAL C 68 29.97 -1.97 -32.41
N GLU C 69 30.74 -1.34 -33.33
CA GLU C 69 31.95 -1.88 -33.95
C GLU C 69 32.98 -2.28 -32.92
N GLY C 70 33.20 -1.43 -31.91
CA GLY C 70 34.12 -1.66 -30.81
C GLY C 70 33.70 -2.82 -29.90
N LEU C 71 32.39 -2.87 -29.56
CA LEU C 71 31.82 -3.91 -28.72
C LEU C 71 31.90 -5.29 -29.39
N VAL C 72 31.52 -5.38 -30.68
CA VAL C 72 31.51 -6.61 -31.48
C VAL C 72 32.97 -7.09 -31.71
N SER C 73 33.92 -6.17 -31.89
CA SER C 73 35.33 -6.50 -32.06
C SER C 73 35.91 -7.12 -30.78
N ALA C 74 35.59 -6.53 -29.60
CA ALA C 74 36.07 -6.97 -28.29
C ALA C 74 35.33 -8.23 -27.82
N ARG C 75 33.99 -8.30 -28.01
CA ARG C 75 33.12 -9.42 -27.59
C ARG C 75 32.40 -9.97 -28.81
N PRO C 76 33.00 -10.94 -29.52
CA PRO C 76 32.37 -11.46 -30.74
C PRO C 76 31.11 -12.27 -30.50
N MSE C 77 30.94 -12.80 -29.28
CA MSE C 77 29.78 -13.61 -28.88
C MSE C 77 28.58 -12.74 -28.47
O MSE C 77 27.47 -13.28 -28.36
CB MSE C 77 30.15 -14.56 -27.72
CG MSE C 77 31.21 -15.60 -28.09
SE MSE C 77 30.72 -16.79 -29.58
CE MSE C 77 31.42 -15.80 -31.19
N LEU C 78 28.79 -11.42 -28.30
CA LEU C 78 27.75 -10.47 -27.90
C LEU C 78 26.75 -10.23 -29.03
N SER C 79 25.45 -10.29 -28.69
CA SER C 79 24.36 -9.99 -29.62
C SER C 79 23.95 -8.54 -29.42
N VAL C 80 24.19 -7.70 -30.42
CA VAL C 80 23.81 -6.30 -30.34
C VAL C 80 22.50 -6.14 -31.15
N VAL C 81 21.44 -5.65 -30.47
CA VAL C 81 20.13 -5.41 -31.05
C VAL C 81 19.90 -3.92 -31.10
N ALA C 82 19.71 -3.39 -32.29
CA ALA C 82 19.46 -1.96 -32.45
C ALA C 82 17.98 -1.66 -32.26
N ILE C 83 17.69 -0.45 -31.73
CA ILE C 83 16.34 0.09 -31.47
CA ILE C 83 16.31 0.00 -31.55
C ILE C 83 16.19 1.40 -32.23
N GLY C 84 15.02 1.65 -32.84
CA GLY C 84 14.80 2.91 -33.56
C GLY C 84 13.84 2.75 -34.73
N ASP C 85 14.00 3.54 -35.84
CA ASP C 85 13.10 3.43 -36.99
C ASP C 85 13.52 2.26 -37.89
N GLY C 86 12.82 1.13 -37.70
CA GLY C 86 13.04 -0.10 -38.45
C GLY C 86 12.61 -0.03 -39.90
N LEU C 87 11.85 1.02 -40.27
CA LEU C 87 11.38 1.26 -41.63
C LEU C 87 12.42 1.99 -42.46
N ASP C 88 13.49 2.51 -41.80
CA ASP C 88 14.59 3.23 -42.42
C ASP C 88 15.69 2.23 -42.81
N ASN C 89 15.73 1.86 -44.10
CA ASN C 89 16.68 0.91 -44.70
C ASN C 89 18.13 1.37 -44.48
N GLN C 90 18.43 2.68 -44.66
CA GLN C 90 19.74 3.28 -44.40
C GLN C 90 20.25 2.98 -42.96
N LEU C 91 19.34 3.11 -41.97
CA LEU C 91 19.59 2.85 -40.57
C LEU C 91 19.84 1.35 -40.30
N VAL C 92 19.03 0.44 -40.89
CA VAL C 92 19.20 -1.04 -40.73
C VAL C 92 20.54 -1.46 -41.37
N LEU C 93 20.89 -0.86 -42.53
CA LEU C 93 22.14 -1.14 -43.20
C LEU C 93 23.31 -0.69 -42.32
N ALA C 94 23.22 0.49 -41.73
CA ALA C 94 24.25 1.03 -40.85
C ALA C 94 24.46 0.15 -39.60
N ALA C 95 23.36 -0.38 -39.03
CA ALA C 95 23.37 -1.26 -37.86
C ALA C 95 24.01 -2.59 -38.20
N MSE C 96 23.57 -3.20 -39.32
CA MSE C 96 24.06 -4.46 -39.87
C MSE C 96 25.57 -4.44 -40.14
O MSE C 96 26.28 -5.37 -39.77
CB MSE C 96 23.31 -4.71 -41.15
CG MSE C 96 23.54 -6.04 -41.74
SE MSE C 96 22.72 -6.22 -43.49
CE MSE C 96 21.33 -4.87 -43.49
N ARG C 97 26.03 -3.35 -40.80
CA ARG C 97 27.43 -3.09 -41.12
C ARG C 97 28.26 -2.92 -39.85
N ALA C 98 27.72 -2.19 -38.86
CA ALA C 98 28.35 -1.94 -37.56
C ALA C 98 28.52 -3.23 -36.75
N GLY C 99 27.65 -4.23 -36.95
CA GLY C 99 27.70 -5.52 -36.29
C GLY C 99 26.46 -5.94 -35.53
N ALA C 100 25.38 -5.14 -35.58
CA ALA C 100 24.14 -5.49 -34.90
C ALA C 100 23.50 -6.71 -35.59
N ARG C 101 22.96 -7.62 -34.77
CA ARG C 101 22.34 -8.91 -35.18
C ARG C 101 20.84 -8.75 -35.51
N ASP C 102 20.19 -7.74 -34.94
CA ASP C 102 18.76 -7.50 -35.15
C ASP C 102 18.45 -6.02 -34.96
N PHE C 103 17.26 -5.64 -35.41
CA PHE C 103 16.76 -4.27 -35.37
C PHE C 103 15.29 -4.30 -35.06
N ILE C 104 14.91 -3.74 -33.91
CA ILE C 104 13.51 -3.70 -33.51
C ILE C 104 13.08 -2.23 -33.44
N THR C 105 11.82 -1.98 -33.78
CA THR C 105 11.30 -0.62 -33.83
C THR C 105 10.76 -0.25 -32.49
N TYR C 106 11.14 0.94 -31.97
CA TYR C 106 10.65 1.40 -30.68
C TYR C 106 9.15 1.57 -30.74
N GLY C 107 8.46 1.00 -29.76
CA GLY C 107 7.01 1.04 -29.65
C GLY C 107 6.32 -0.15 -30.26
N ALA C 108 7.08 -1.14 -30.80
CA ALA C 108 6.51 -2.35 -31.39
C ALA C 108 5.68 -3.13 -30.33
N ARG C 109 4.55 -3.68 -30.79
CA ARG C 109 3.57 -4.45 -30.02
C ARG C 109 4.15 -5.84 -29.71
N ALA C 110 3.64 -6.45 -28.62
CA ALA C 110 4.06 -7.76 -28.09
C ALA C 110 4.06 -8.87 -29.16
N SER C 111 3.05 -8.89 -30.06
CA SER C 111 2.91 -9.87 -31.16
C SER C 111 4.04 -9.75 -32.18
N GLU C 112 4.59 -8.54 -32.33
CA GLU C 112 5.73 -8.25 -33.23
C GLU C 112 7.04 -8.72 -32.60
N LEU C 113 7.10 -8.80 -31.26
CA LEU C 113 8.31 -9.14 -30.52
C LEU C 113 8.37 -10.61 -30.11
N THR C 114 7.30 -11.40 -30.41
CA THR C 114 7.19 -12.84 -30.09
C THR C 114 8.45 -13.66 -30.57
N GLY C 115 8.94 -13.33 -31.76
CA GLY C 115 10.12 -13.96 -32.37
C GLY C 115 11.38 -13.76 -31.56
N LEU C 116 11.64 -12.50 -31.15
CA LEU C 116 12.79 -12.04 -30.36
C LEU C 116 12.74 -12.61 -28.94
N ILE C 117 11.56 -12.55 -28.30
CA ILE C 117 11.32 -13.07 -26.95
C ILE C 117 11.73 -14.54 -26.86
N ARG C 118 11.34 -15.36 -27.85
CA ARG C 118 11.69 -16.78 -27.86
C ARG C 118 13.21 -16.98 -28.07
N ARG C 119 13.84 -16.18 -28.95
CA ARG C 119 15.27 -16.22 -29.26
C ARG C 119 16.10 -15.78 -28.03
N LEU C 120 15.62 -14.76 -27.27
CA LEU C 120 16.25 -14.22 -26.06
C LEU C 120 16.32 -15.21 -24.90
N GLY C 121 15.38 -16.15 -24.84
CA GLY C 121 15.32 -17.17 -23.81
C GLY C 121 16.38 -18.26 -23.96
N GLY C 122 17.01 -18.30 -25.13
CA GLY C 122 18.08 -19.23 -25.45
C GLY C 122 17.72 -20.70 -25.43
N ARG C 123 18.66 -21.48 -24.93
CA ARG C 123 18.62 -22.94 -24.91
C ARG C 123 18.11 -23.48 -23.60
N LEU C 124 17.44 -24.65 -23.64
CA LEU C 124 16.91 -25.35 -22.48
C LEU C 124 18.08 -25.68 -21.55
N PRO C 125 18.13 -25.06 -20.35
CA PRO C 125 19.27 -25.29 -19.46
C PRO C 125 19.27 -26.66 -18.80
N SER C 126 20.48 -27.16 -18.57
CA SER C 126 20.75 -28.41 -17.89
C SER C 126 20.66 -28.20 -16.37
N VAL C 127 20.48 -29.29 -15.60
CA VAL C 127 20.44 -29.25 -14.13
C VAL C 127 21.81 -28.76 -13.63
N PRO C 128 21.89 -27.60 -12.91
CA PRO C 128 23.21 -27.08 -12.50
C PRO C 128 23.80 -27.80 -11.27
N VAL C 129 25.15 -27.66 -11.10
CA VAL C 129 26.00 -28.26 -10.07
C VAL C 129 25.56 -27.78 -8.65
N ASN D 3 -6.31 -19.69 -26.67
CA ASN D 3 -5.09 -19.97 -25.92
C ASN D 3 -5.20 -21.29 -25.12
N GLN D 4 -4.08 -22.04 -25.10
CA GLN D 4 -3.90 -23.36 -24.50
C GLN D 4 -3.27 -23.33 -23.13
N ASN D 5 -3.37 -24.47 -22.40
CA ASN D 5 -2.72 -24.69 -21.11
C ASN D 5 -1.83 -25.92 -21.23
N PHE D 6 -0.60 -25.79 -20.72
CA PHE D 6 0.39 -26.87 -20.68
C PHE D 6 0.72 -27.12 -19.22
N VAL D 7 1.00 -28.35 -18.84
CA VAL D 7 1.35 -28.68 -17.48
C VAL D 7 2.83 -29.10 -17.49
N ALA D 8 3.63 -28.65 -16.52
CA ALA D 8 5.06 -28.98 -16.47
C ALA D 8 5.48 -29.48 -15.10
N LEU D 9 6.14 -30.63 -15.11
CA LEU D 9 6.75 -31.30 -13.95
C LEU D 9 8.24 -31.16 -14.15
N THR D 10 8.81 -30.07 -13.65
CA THR D 10 10.23 -29.73 -13.85
C THR D 10 11.04 -30.10 -12.64
N GLN D 11 12.35 -30.34 -12.81
CA GLN D 11 13.13 -30.70 -11.63
C GLN D 11 14.06 -29.51 -11.23
N HIS D 12 14.05 -28.39 -11.98
CA HIS D 12 14.75 -27.17 -11.59
C HIS D 12 14.06 -25.97 -12.29
N PRO D 13 14.10 -24.77 -11.66
CA PRO D 13 13.32 -23.61 -12.20
C PRO D 13 13.74 -23.14 -13.59
N GLY D 14 14.99 -23.34 -13.97
CA GLY D 14 15.53 -22.99 -15.28
C GLY D 14 14.72 -23.61 -16.40
N GLU D 15 14.23 -24.86 -16.20
CA GLU D 15 13.42 -25.59 -17.15
C GLU D 15 12.05 -24.93 -17.31
N LEU D 16 11.41 -24.60 -16.20
CA LEU D 16 10.08 -23.97 -16.18
C LEU D 16 10.11 -22.60 -16.85
N ASP D 17 11.11 -21.79 -16.52
CA ASP D 17 11.32 -20.47 -17.11
C ASP D 17 11.44 -20.51 -18.61
N TRP D 18 12.28 -21.45 -19.11
CA TRP D 18 12.53 -21.67 -20.52
C TRP D 18 11.25 -22.13 -21.24
N LEU D 19 10.43 -23.05 -20.63
CA LEU D 19 9.15 -23.49 -21.18
C LEU D 19 8.15 -22.34 -21.26
N GLN D 20 8.00 -21.57 -20.15
CA GLN D 20 7.08 -20.44 -20.05
C GLN D 20 7.42 -19.34 -21.03
N ASN D 21 8.70 -19.01 -21.21
CA ASN D 21 9.13 -17.97 -22.14
C ASN D 21 8.94 -18.39 -23.62
N SER D 22 9.29 -19.64 -23.95
CA SER D 22 9.18 -20.16 -25.30
C SER D 22 7.71 -20.30 -25.75
N LEU D 23 6.83 -20.74 -24.82
CA LEU D 23 5.43 -21.00 -25.15
C LEU D 23 4.47 -19.87 -24.71
N ALA D 24 5.00 -18.71 -24.26
CA ALA D 24 4.27 -17.51 -23.78
C ALA D 24 3.16 -17.04 -24.74
N SER D 25 3.42 -17.09 -26.05
CA SER D 25 2.48 -16.69 -27.10
C SER D 25 1.39 -17.77 -27.36
N ALA D 26 1.73 -19.06 -27.14
CA ALA D 26 0.86 -20.23 -27.38
C ALA D 26 -0.15 -20.48 -26.23
N GLY D 27 0.13 -19.96 -25.04
CA GLY D 27 -0.73 -20.10 -23.88
C GLY D 27 0.00 -19.99 -22.56
N GLN D 28 -0.37 -20.84 -21.59
CA GLN D 28 0.16 -20.86 -20.23
C GLN D 28 0.83 -22.17 -19.87
N VAL D 29 2.02 -22.11 -19.22
CA VAL D 29 2.73 -23.30 -18.71
C VAL D 29 2.49 -23.33 -17.21
N VAL D 30 1.64 -24.26 -16.77
CA VAL D 30 1.26 -24.39 -15.37
C VAL D 30 2.20 -25.40 -14.66
N PRO D 31 3.07 -24.94 -13.71
CA PRO D 31 3.89 -25.90 -12.95
C PRO D 31 2.99 -26.73 -12.01
N ALA D 32 3.30 -28.03 -11.84
CA ALA D 32 2.49 -28.89 -10.96
C ALA D 32 3.35 -29.88 -10.16
N GLY D 33 2.74 -30.45 -9.11
CA GLY D 33 3.33 -31.47 -8.26
C GLY D 33 3.19 -32.86 -8.84
N SER D 34 4.12 -33.76 -8.51
CA SER D 34 4.14 -35.13 -9.05
C SER D 34 3.77 -36.17 -8.00
N ALA D 35 3.49 -35.74 -6.76
CA ALA D 35 3.18 -36.61 -5.62
C ALA D 35 1.89 -37.44 -5.84
N SER D 36 0.87 -36.87 -6.56
CA SER D 36 -0.41 -37.56 -6.79
C SER D 36 -0.84 -37.56 -8.26
N LEU D 37 -1.04 -38.78 -8.83
CA LEU D 37 -1.56 -39.03 -10.18
C LEU D 37 -3.00 -38.53 -10.28
N GLU D 38 -3.82 -38.79 -9.22
CA GLU D 38 -5.23 -38.39 -9.11
C GLU D 38 -5.37 -36.85 -9.17
N GLU D 39 -4.52 -36.12 -8.41
CA GLU D 39 -4.52 -34.65 -8.39
C GLU D 39 -4.07 -34.08 -9.74
N LEU D 40 -3.04 -34.68 -10.35
CA LEU D 40 -2.50 -34.30 -11.64
C LEU D 40 -3.54 -34.50 -12.76
N LEU D 41 -4.34 -35.60 -12.70
CA LEU D 41 -5.41 -35.86 -13.68
C LEU D 41 -6.51 -34.80 -13.55
N ALA D 42 -6.85 -34.40 -12.32
CA ALA D 42 -7.86 -33.37 -12.04
C ALA D 42 -7.44 -32.02 -12.64
N LEU D 43 -6.15 -31.67 -12.53
CA LEU D 43 -5.58 -30.44 -13.08
C LEU D 43 -5.66 -30.45 -14.59
N LEU D 44 -5.21 -31.57 -15.22
CA LEU D 44 -5.21 -31.73 -16.68
C LEU D 44 -6.61 -31.57 -17.25
N ASP D 45 -7.64 -32.06 -16.53
CA ASP D 45 -9.03 -32.00 -16.94
C ASP D 45 -9.61 -30.59 -16.88
N VAL D 46 -9.34 -29.87 -15.77
CA VAL D 46 -9.94 -28.58 -15.53
C VAL D 46 -9.24 -27.52 -16.43
N THR D 47 -7.97 -27.72 -16.78
CA THR D 47 -7.18 -26.81 -17.63
C THR D 47 -7.30 -27.19 -19.10
N ALA D 48 -7.91 -28.37 -19.39
CA ALA D 48 -8.10 -28.99 -20.72
C ALA D 48 -6.76 -29.03 -21.46
N ALA D 49 -5.68 -29.33 -20.69
CA ALA D 49 -4.30 -29.43 -21.17
C ALA D 49 -4.13 -30.71 -21.99
N GLY D 50 -3.57 -30.55 -23.19
CA GLY D 50 -3.32 -31.66 -24.09
C GLY D 50 -1.87 -32.09 -24.09
N VAL D 51 -0.99 -31.26 -23.49
CA VAL D 51 0.45 -31.51 -23.42
C VAL D 51 0.92 -31.38 -21.99
N LEU D 52 1.71 -32.38 -21.54
CA LEU D 52 2.35 -32.42 -20.25
C LEU D 52 3.86 -32.60 -20.44
N PHE D 53 4.67 -31.67 -19.88
CA PHE D 53 6.12 -31.72 -19.91
C PHE D 53 6.60 -32.37 -18.63
N ILE D 54 7.49 -33.37 -18.72
CA ILE D 54 8.01 -34.05 -17.53
C ILE D 54 9.53 -34.14 -17.65
N SER D 55 10.24 -33.63 -16.64
CA SER D 55 11.69 -33.64 -16.60
C SER D 55 12.17 -34.96 -16.03
N LEU D 56 12.97 -35.67 -16.80
CA LEU D 56 13.51 -37.00 -16.45
C LEU D 56 15.04 -37.00 -16.34
N GLY D 57 15.53 -37.64 -15.28
CA GLY D 57 16.94 -37.83 -14.95
C GLY D 57 17.11 -39.22 -14.38
N LYS D 58 18.36 -39.66 -14.18
CA LYS D 58 18.65 -41.01 -13.65
C LYS D 58 18.08 -41.20 -12.23
N SER D 59 18.08 -40.15 -11.39
CA SER D 59 17.60 -40.19 -10.01
C SER D 59 16.05 -40.30 -9.90
N ASN D 60 15.28 -39.68 -10.81
CA ASN D 60 13.81 -39.71 -10.70
C ASN D 60 13.13 -40.63 -11.76
N LEU D 61 13.90 -41.26 -12.65
CA LEU D 61 13.41 -42.07 -13.76
C LEU D 61 12.42 -43.18 -13.36
N VAL D 62 12.66 -43.89 -12.25
CA VAL D 62 11.78 -45.01 -11.84
C VAL D 62 10.38 -44.48 -11.41
N SER D 63 10.32 -43.50 -10.49
CA SER D 63 9.05 -42.96 -10.01
C SER D 63 8.33 -42.11 -11.07
N GLN D 64 9.07 -41.27 -11.84
CA GLN D 64 8.46 -40.42 -12.87
C GLN D 64 8.01 -41.23 -14.08
N GLY D 65 8.74 -42.30 -14.40
CA GLY D 65 8.40 -43.23 -15.48
C GLY D 65 7.08 -43.91 -15.21
N ALA D 66 6.88 -44.34 -13.94
CA ALA D 66 5.65 -44.96 -13.45
C ALA D 66 4.47 -43.98 -13.53
N LEU D 67 4.74 -42.68 -13.27
CA LEU D 67 3.74 -41.61 -13.34
C LEU D 67 3.30 -41.40 -14.79
N VAL D 68 4.26 -41.38 -15.76
CA VAL D 68 3.98 -41.25 -17.19
C VAL D 68 3.06 -42.41 -17.62
N GLU D 69 3.38 -43.65 -17.16
CA GLU D 69 2.62 -44.86 -17.44
C GLU D 69 1.17 -44.70 -16.96
N GLY D 70 0.99 -44.18 -15.74
CA GLY D 70 -0.31 -43.93 -15.12
C GLY D 70 -1.14 -42.89 -15.86
N LEU D 71 -0.51 -41.77 -16.23
CA LEU D 71 -1.11 -40.67 -16.98
C LEU D 71 -1.59 -41.11 -18.36
N VAL D 72 -0.72 -41.81 -19.13
CA VAL D 72 -0.96 -42.29 -20.49
C VAL D 72 -2.08 -43.36 -20.47
N SER D 73 -2.10 -44.20 -19.41
CA SER D 73 -3.14 -45.24 -19.24
C SER D 73 -4.52 -44.58 -19.01
N ALA D 74 -4.56 -43.52 -18.16
CA ALA D 74 -5.78 -42.81 -17.81
C ALA D 74 -6.24 -41.86 -18.93
N ARG D 75 -5.30 -41.14 -19.56
CA ARG D 75 -5.58 -40.17 -20.64
C ARG D 75 -4.77 -40.57 -21.87
N PRO D 76 -5.34 -41.42 -22.74
CA PRO D 76 -4.59 -41.89 -23.92
C PRO D 76 -4.35 -40.79 -24.96
N MSE D 77 -5.19 -39.72 -24.96
CA MSE D 77 -5.08 -38.61 -25.90
C MSE D 77 -4.05 -37.55 -25.43
O MSE D 77 -3.71 -36.66 -26.23
CB MSE D 77 -6.46 -37.96 -26.12
CG MSE D 77 -7.47 -38.88 -26.83
SE MSE D 77 -6.90 -39.61 -28.61
CE MSE D 77 -5.99 -41.27 -28.10
N LEU D 78 -3.55 -37.65 -24.19
CA LEU D 78 -2.56 -36.74 -23.65
C LEU D 78 -1.20 -36.95 -24.29
N SER D 79 -0.54 -35.85 -24.70
CA SER D 79 0.80 -35.89 -25.25
C SER D 79 1.80 -35.60 -24.11
N VAL D 80 2.60 -36.62 -23.74
CA VAL D 80 3.61 -36.45 -22.70
C VAL D 80 4.94 -36.23 -23.41
N VAL D 81 5.58 -35.06 -23.13
CA VAL D 81 6.86 -34.66 -23.70
C VAL D 81 7.90 -34.69 -22.59
N ALA D 82 8.92 -35.55 -22.74
CA ALA D 82 9.99 -35.67 -21.75
C ALA D 82 11.05 -34.62 -22.00
N ILE D 83 11.69 -34.14 -20.91
CA ILE D 83 12.79 -33.17 -20.91
C ILE D 83 13.97 -33.80 -20.18
N GLY D 84 15.18 -33.63 -20.70
CA GLY D 84 16.35 -34.19 -20.03
C GLY D 84 17.54 -34.39 -20.93
N ASP D 85 18.43 -35.31 -20.53
CA ASP D 85 19.64 -35.57 -21.30
C ASP D 85 19.32 -36.48 -22.50
N GLY D 86 19.21 -35.85 -23.67
CA GLY D 86 18.94 -36.54 -24.92
C GLY D 86 20.11 -37.36 -25.44
N LEU D 87 21.29 -37.24 -24.82
CA LEU D 87 22.50 -37.99 -25.17
C LEU D 87 22.55 -39.33 -24.44
N ASP D 88 21.70 -39.50 -23.40
CA ASP D 88 21.58 -40.71 -22.60
C ASP D 88 20.54 -41.62 -23.26
N ASN D 89 21.05 -42.57 -24.06
CA ASN D 89 20.24 -43.51 -24.85
C ASN D 89 19.27 -44.32 -23.99
N GLN D 90 19.68 -44.76 -22.78
CA GLN D 90 18.85 -45.55 -21.86
C GLN D 90 17.71 -44.72 -21.29
N LEU D 91 17.91 -43.38 -21.10
CA LEU D 91 16.91 -42.44 -20.59
C LEU D 91 15.81 -42.19 -21.61
N VAL D 92 16.19 -41.97 -22.88
CA VAL D 92 15.27 -41.74 -23.99
C VAL D 92 14.42 -43.03 -24.18
N LEU D 93 15.06 -44.22 -24.16
CA LEU D 93 14.36 -45.51 -24.30
C LEU D 93 13.30 -45.67 -23.22
N ALA D 94 13.66 -45.44 -21.94
CA ALA D 94 12.78 -45.52 -20.77
C ALA D 94 11.60 -44.55 -20.90
N ALA D 95 11.87 -43.32 -21.42
CA ALA D 95 10.89 -42.25 -21.64
C ALA D 95 9.82 -42.73 -22.64
N MSE D 96 10.29 -43.24 -23.80
CA MSE D 96 9.49 -43.77 -24.91
C MSE D 96 8.63 -44.96 -24.47
O MSE D 96 7.44 -45.01 -24.80
CB MSE D 96 10.41 -44.19 -26.04
CG MSE D 96 9.67 -44.78 -27.23
SE MSE D 96 10.85 -45.38 -28.62
CE MSE D 96 12.07 -46.36 -27.53
N ARG D 97 9.25 -45.92 -23.75
CA ARG D 97 8.61 -47.12 -23.23
C ARG D 97 7.52 -46.75 -22.19
N ALA D 98 7.77 -45.71 -21.36
CA ALA D 98 6.82 -45.21 -20.35
C ALA D 98 5.56 -44.63 -21.01
N GLY D 99 5.68 -44.10 -22.23
CA GLY D 99 4.57 -43.53 -22.99
C GLY D 99 4.79 -42.12 -23.50
N ALA D 100 5.99 -41.54 -23.31
CA ALA D 100 6.25 -40.20 -23.79
C ALA D 100 6.31 -40.20 -25.34
N ARG D 101 5.57 -39.26 -25.94
CA ARG D 101 5.41 -39.05 -27.38
C ARG D 101 6.66 -38.36 -27.97
N ASP D 102 7.36 -37.50 -27.17
CA ASP D 102 8.56 -36.81 -27.65
C ASP D 102 9.54 -36.54 -26.52
N PHE D 103 10.78 -36.15 -26.87
CA PHE D 103 11.88 -35.87 -25.95
C PHE D 103 12.60 -34.58 -26.34
N ILE D 104 12.60 -33.58 -25.45
CA ILE D 104 13.31 -32.30 -25.67
C ILE D 104 14.61 -32.36 -24.87
N THR D 105 15.76 -32.28 -25.56
CA THR D 105 17.06 -32.38 -24.91
C THR D 105 17.56 -31.01 -24.40
N TYR D 106 18.45 -31.05 -23.40
CA TYR D 106 19.09 -29.86 -22.85
C TYR D 106 19.92 -29.22 -23.97
N GLY D 107 19.81 -27.90 -24.11
CA GLY D 107 20.51 -27.18 -25.15
C GLY D 107 19.64 -26.89 -26.37
N ALA D 108 18.40 -27.36 -26.36
CA ALA D 108 17.43 -27.14 -27.42
C ALA D 108 16.96 -25.69 -27.47
N ARG D 109 16.88 -25.14 -28.69
CA ARG D 109 16.38 -23.79 -28.91
C ARG D 109 14.85 -23.82 -28.80
N ALA D 110 14.23 -22.64 -28.63
CA ALA D 110 12.78 -22.48 -28.51
C ALA D 110 12.03 -22.97 -29.76
N SER D 111 12.62 -22.82 -30.97
CA SER D 111 12.03 -23.21 -32.26
C SER D 111 11.71 -24.72 -32.34
N GLU D 112 12.49 -25.55 -31.63
CA GLU D 112 12.24 -27.00 -31.55
C GLU D 112 10.95 -27.29 -30.78
N LEU D 113 10.72 -26.52 -29.70
CA LEU D 113 9.57 -26.66 -28.81
C LEU D 113 8.30 -26.15 -29.50
N THR D 114 8.33 -24.97 -30.15
CA THR D 114 7.17 -24.41 -30.87
C THR D 114 6.83 -25.31 -32.08
N GLY D 115 7.85 -25.92 -32.71
CA GLY D 115 7.70 -26.85 -33.82
C GLY D 115 6.95 -28.10 -33.40
N LEU D 116 7.33 -28.65 -32.25
CA LEU D 116 6.71 -29.82 -31.62
C LEU D 116 5.23 -29.56 -31.27
N ILE D 117 4.90 -28.38 -30.72
CA ILE D 117 3.53 -28.02 -30.34
C ILE D 117 2.66 -27.91 -31.62
N ARG D 118 3.22 -27.39 -32.74
CA ARG D 118 2.52 -27.28 -34.02
C ARG D 118 2.24 -28.68 -34.57
N ARG D 119 3.22 -29.62 -34.47
CA ARG D 119 3.09 -31.00 -34.93
C ARG D 119 2.03 -31.76 -34.13
N LEU D 120 2.02 -31.60 -32.80
CA LEU D 120 1.06 -32.24 -31.90
C LEU D 120 -0.37 -31.70 -32.11
N GLY D 121 -0.48 -30.46 -32.59
CA GLY D 121 -1.76 -29.82 -32.91
C GLY D 121 -2.36 -30.32 -34.22
N GLY D 122 -1.51 -30.57 -35.21
CA GLY D 122 -1.90 -31.06 -36.54
C GLY D 122 -2.18 -32.55 -36.56
N MSE E 2 13.01 6.50 -10.45
CA MSE E 2 12.12 5.60 -11.17
C MSE E 2 12.72 4.17 -11.22
O MSE E 2 12.40 3.37 -10.34
CB MSE E 2 11.83 6.15 -12.60
CG MSE E 2 10.64 5.48 -13.29
SE MSE E 2 10.47 5.78 -15.23
CE MSE E 2 8.70 4.94 -15.47
N ASN E 3 13.58 3.87 -12.26
CA ASN E 3 14.26 2.57 -12.50
C ASN E 3 15.75 2.66 -12.11
N GLN E 4 16.00 2.35 -10.83
CA GLN E 4 17.30 2.29 -10.19
C GLN E 4 18.01 0.97 -10.43
N ASN E 5 19.33 1.01 -10.34
CA ASN E 5 20.11 -0.21 -10.37
C ASN E 5 20.65 -0.46 -8.97
N PHE E 6 20.55 -1.70 -8.52
CA PHE E 6 21.08 -2.16 -7.23
C PHE E 6 22.12 -3.21 -7.52
N VAL E 7 23.20 -3.27 -6.75
CA VAL E 7 24.25 -4.25 -6.96
C VAL E 7 24.15 -5.26 -5.83
N ALA E 8 24.26 -6.56 -6.13
CA ALA E 8 24.17 -7.59 -5.14
C ALA E 8 25.35 -8.56 -5.20
N LEU E 9 25.96 -8.77 -4.03
CA LEU E 9 27.01 -9.73 -3.76
C LEU E 9 26.37 -10.84 -2.98
N THR E 10 25.82 -11.84 -3.68
CA THR E 10 25.09 -12.95 -3.08
C THR E 10 26.00 -14.16 -2.97
N GLN E 11 25.73 -15.03 -1.98
CA GLN E 11 26.58 -16.22 -1.85
C GLN E 11 25.79 -17.48 -2.35
N HIS E 12 24.52 -17.33 -2.77
CA HIS E 12 23.76 -18.40 -3.41
C HIS E 12 22.62 -17.77 -4.27
N PRO E 13 22.19 -18.46 -5.37
CA PRO E 13 21.20 -17.86 -6.31
C PRO E 13 19.83 -17.53 -5.70
N GLY E 14 19.42 -18.27 -4.66
CA GLY E 14 18.15 -18.03 -3.98
C GLY E 14 18.02 -16.61 -3.45
N GLU E 15 19.17 -16.03 -3.02
CA GLU E 15 19.24 -14.66 -2.51
C GLU E 15 19.02 -13.66 -3.61
N LEU E 16 19.66 -13.88 -4.77
CA LEU E 16 19.55 -12.98 -5.91
C LEU E 16 18.11 -12.94 -6.42
N ASP E 17 17.42 -14.11 -6.49
CA ASP E 17 16.04 -14.20 -6.91
C ASP E 17 15.13 -13.46 -5.94
N TRP E 18 15.34 -13.62 -4.64
CA TRP E 18 14.60 -12.97 -3.56
C TRP E 18 14.73 -11.44 -3.67
N LEU E 19 15.95 -10.94 -3.91
CA LEU E 19 16.19 -9.51 -4.11
C LEU E 19 15.52 -8.99 -5.38
N GLN E 20 15.71 -9.68 -6.53
CA GLN E 20 15.17 -9.31 -7.84
C GLN E 20 13.65 -9.29 -7.84
N ASN E 21 13.01 -10.29 -7.22
CA ASN E 21 11.54 -10.41 -7.17
C ASN E 21 10.93 -9.36 -6.25
N SER E 22 11.55 -9.11 -5.10
CA SER E 22 11.07 -8.15 -4.13
C SER E 22 11.20 -6.69 -4.63
N LEU E 23 12.29 -6.39 -5.33
CA LEU E 23 12.59 -5.03 -5.82
C LEU E 23 12.25 -4.81 -7.30
N ALA E 24 11.52 -5.74 -7.93
CA ALA E 24 11.16 -5.69 -9.36
C ALA E 24 10.48 -4.37 -9.78
N SER E 25 9.59 -3.84 -8.93
CA SER E 25 8.86 -2.58 -9.15
C SER E 25 9.80 -1.35 -9.03
N ALA E 26 10.86 -1.45 -8.21
CA ALA E 26 11.80 -0.37 -7.89
C ALA E 26 12.96 -0.28 -8.90
N GLY E 27 13.35 -1.39 -9.48
CA GLY E 27 14.45 -1.38 -10.43
C GLY E 27 15.02 -2.73 -10.74
N GLN E 28 16.33 -2.75 -11.03
CA GLN E 28 17.11 -3.92 -11.43
C GLN E 28 18.16 -4.27 -10.41
N VAL E 29 18.27 -5.55 -10.09
CA VAL E 29 19.28 -6.05 -9.15
C VAL E 29 20.36 -6.71 -10.01
N VAL E 30 21.52 -6.05 -10.05
CA VAL E 30 22.66 -6.47 -10.87
C VAL E 30 23.60 -7.35 -10.03
N PRO E 31 23.70 -8.68 -10.32
CA PRO E 31 24.67 -9.51 -9.58
C PRO E 31 26.11 -9.10 -9.91
N ALA E 32 26.98 -9.08 -8.91
CA ALA E 32 28.36 -8.68 -9.07
C ALA E 32 29.29 -9.86 -8.93
N GLY E 33 28.76 -10.98 -8.41
CA GLY E 33 29.46 -12.24 -8.23
C GLY E 33 30.80 -12.13 -7.54
N SER E 34 31.84 -12.65 -8.21
CA SER E 34 33.24 -12.64 -7.79
C SER E 34 33.90 -11.40 -8.40
N ALA E 35 33.78 -10.27 -7.68
CA ALA E 35 34.32 -8.99 -8.11
C ALA E 35 35.23 -8.41 -7.06
N SER E 36 36.37 -7.85 -7.50
CA SER E 36 37.35 -7.18 -6.63
C SER E 36 36.83 -5.79 -6.27
N LEU E 37 37.49 -5.09 -5.32
CA LEU E 37 37.05 -3.76 -4.92
C LEU E 37 37.05 -2.80 -6.13
N GLU E 38 38.15 -2.82 -6.93
CA GLU E 38 38.33 -1.98 -8.12
C GLU E 38 37.25 -2.26 -9.16
N GLU E 39 36.96 -3.56 -9.44
CA GLU E 39 35.93 -4.01 -10.39
C GLU E 39 34.53 -3.60 -9.91
N LEU E 40 34.27 -3.78 -8.62
CA LEU E 40 33.02 -3.45 -7.95
C LEU E 40 32.73 -1.95 -7.99
N LEU E 41 33.77 -1.11 -7.81
CA LEU E 41 33.62 0.34 -7.88
C LEU E 41 33.27 0.78 -9.30
N ALA E 42 33.87 0.12 -10.31
CA ALA E 42 33.61 0.39 -11.73
C ALA E 42 32.15 0.04 -12.08
N LEU E 43 31.64 -1.07 -11.52
CA LEU E 43 30.27 -1.54 -11.71
C LEU E 43 29.28 -0.58 -11.08
N LEU E 44 29.55 -0.07 -9.86
CA LEU E 44 28.68 0.86 -9.17
C LEU E 44 28.56 2.16 -9.93
N ASP E 45 29.66 2.61 -10.56
CA ASP E 45 29.73 3.86 -11.30
C ASP E 45 28.96 3.79 -12.62
N VAL E 46 29.13 2.71 -13.40
CA VAL E 46 28.49 2.57 -14.72
C VAL E 46 26.94 2.33 -14.54
N THR E 47 26.53 1.61 -13.46
CA THR E 47 25.11 1.33 -13.18
C THR E 47 24.45 2.49 -12.44
N ALA E 48 25.27 3.42 -11.89
CA ALA E 48 24.84 4.59 -11.11
C ALA E 48 24.06 4.12 -9.86
N ALA E 49 24.48 2.98 -9.31
CA ALA E 49 23.87 2.31 -8.17
C ALA E 49 24.22 3.05 -6.87
N GLY E 50 23.18 3.29 -6.07
CA GLY E 50 23.31 3.94 -4.77
C GLY E 50 23.18 2.96 -3.61
N VAL E 51 22.74 1.73 -3.90
CA VAL E 51 22.54 0.67 -2.91
C VAL E 51 23.28 -0.58 -3.34
N LEU E 52 24.03 -1.18 -2.40
CA LEU E 52 24.75 -2.44 -2.60
C LEU E 52 24.33 -3.43 -1.51
N PHE E 53 23.86 -4.60 -1.94
CA PHE E 53 23.46 -5.70 -1.06
C PHE E 53 24.63 -6.68 -0.96
N ILE E 54 25.01 -7.06 0.27
CA ILE E 54 26.10 -8.00 0.47
C ILE E 54 25.65 -9.10 1.44
N SER E 55 25.78 -10.35 1.00
CA SER E 55 25.45 -11.54 1.74
C SER E 55 26.60 -11.91 2.67
N LEU E 56 26.29 -11.97 3.96
CA LEU E 56 27.23 -12.28 5.03
C LEU E 56 26.85 -13.57 5.74
N GLY E 57 27.86 -14.42 5.83
CA GLY E 57 27.85 -15.70 6.52
C GLY E 57 29.09 -15.82 7.37
N LYS E 58 29.18 -16.87 8.19
CA LYS E 58 30.31 -17.11 9.09
C LYS E 58 31.62 -17.36 8.32
N SER E 59 31.55 -18.06 7.18
CA SER E 59 32.73 -18.41 6.37
C SER E 59 33.34 -17.20 5.63
N ASN E 60 32.53 -16.23 5.18
CA ASN E 60 33.01 -15.11 4.38
C ASN E 60 33.10 -13.76 5.15
N LEU E 61 32.70 -13.74 6.42
CA LEU E 61 32.58 -12.54 7.24
C LEU E 61 33.85 -11.65 7.28
N VAL E 62 35.04 -12.25 7.41
CA VAL E 62 36.29 -11.48 7.52
C VAL E 62 36.63 -10.78 6.18
N SER E 63 36.65 -11.54 5.05
CA SER E 63 36.96 -10.97 3.73
C SER E 63 35.85 -10.02 3.21
N GLN E 64 34.56 -10.35 3.40
CA GLN E 64 33.45 -9.51 2.94
C GLN E 64 33.35 -8.23 3.78
N GLY E 65 33.65 -8.34 5.07
CA GLY E 65 33.68 -7.20 5.98
C GLY E 65 34.71 -6.17 5.55
N ALA E 66 35.91 -6.66 5.15
CA ALA E 66 37.02 -5.85 4.65
C ALA E 66 36.64 -5.14 3.33
N LEU E 67 35.82 -5.82 2.50
CA LEU E 67 35.33 -5.30 1.23
C LEU E 67 34.36 -4.15 1.48
N VAL E 68 33.41 -4.32 2.44
CA VAL E 68 32.44 -3.29 2.83
C VAL E 68 33.20 -2.05 3.29
N GLU E 69 34.26 -2.24 4.13
CA GLU E 69 35.12 -1.18 4.63
C GLU E 69 35.76 -0.37 3.48
N GLY E 70 36.26 -1.09 2.46
CA GLY E 70 36.87 -0.52 1.28
C GLY E 70 35.91 0.27 0.41
N LEU E 71 34.69 -0.27 0.21
CA LEU E 71 33.63 0.37 -0.57
C LEU E 71 33.14 1.66 0.09
N VAL E 72 32.82 1.60 1.40
CA VAL E 72 32.32 2.71 2.22
C VAL E 72 33.39 3.83 2.24
N SER E 73 34.69 3.47 2.33
CA SER E 73 35.80 4.43 2.30
C SER E 73 35.89 5.14 0.93
N ALA E 74 35.73 4.38 -0.19
CA ALA E 74 35.80 4.90 -1.57
C ALA E 74 34.52 5.66 -1.97
N ARG E 75 33.35 5.15 -1.60
CA ARG E 75 32.05 5.75 -1.92
C ARG E 75 31.30 5.99 -0.60
N PRO E 76 31.48 7.17 0.02
CA PRO E 76 30.82 7.44 1.31
C PRO E 76 29.30 7.62 1.21
N MSE E 77 28.78 7.96 0.01
CA MSE E 77 27.35 8.17 -0.24
CA MSE E 77 27.35 8.17 -0.26
C MSE E 77 26.64 6.84 -0.58
O MSE E 77 25.40 6.82 -0.66
CB MSE E 77 27.12 9.21 -1.35
CB MSE E 77 27.15 9.18 -1.41
CG MSE E 77 27.57 10.64 -0.98
CG MSE E 77 27.42 10.62 -1.01
SE MSE E 77 26.63 11.43 0.56
SE MSE E 77 27.09 11.92 -2.45
CE MSE E 77 27.91 11.03 2.01
CE MSE E 77 25.17 11.62 -2.76
N LEU E 78 27.40 5.74 -0.73
CA LEU E 78 26.83 4.42 -1.02
C LEU E 78 26.16 3.82 0.22
N SER E 79 24.94 3.27 0.03
CA SER E 79 24.20 2.59 1.09
C SER E 79 24.49 1.09 0.98
N VAL E 80 25.21 0.54 1.98
CA VAL E 80 25.53 -0.90 1.99
C VAL E 80 24.52 -1.58 2.93
N VAL E 81 23.75 -2.54 2.38
CA VAL E 81 22.71 -3.30 3.11
C VAL E 81 23.19 -4.75 3.21
N ALA E 82 23.38 -5.24 4.44
CA ALA E 82 23.80 -6.63 4.63
C ALA E 82 22.57 -7.55 4.61
N ILE E 83 22.76 -8.75 4.08
CA ILE E 83 21.77 -9.80 3.92
C ILE E 83 22.31 -11.07 4.58
N GLY E 84 21.45 -11.87 5.17
CA GLY E 84 21.87 -13.14 5.76
C GLY E 84 20.97 -13.56 6.91
N ASP E 85 21.54 -14.34 7.86
CA ASP E 85 20.79 -14.76 9.04
C ASP E 85 20.72 -13.61 10.06
N GLY E 86 19.56 -12.97 10.15
CA GLY E 86 19.31 -11.87 11.07
C GLY E 86 19.19 -12.27 12.52
N LEU E 87 19.15 -13.58 12.79
CA LEU E 87 19.11 -14.16 14.14
C LEU E 87 20.53 -14.32 14.71
N ASP E 88 21.55 -14.20 13.84
CA ASP E 88 22.97 -14.35 14.18
C ASP E 88 23.53 -12.99 14.59
N ASN E 89 23.71 -12.82 15.93
CA ASN E 89 24.26 -11.62 16.58
CA ASN E 89 24.23 -11.59 16.55
C ASN E 89 25.57 -11.16 15.93
N GLN E 90 26.50 -12.14 15.75
CA GLN E 90 27.84 -12.01 15.19
C GLN E 90 27.81 -11.37 13.79
N LEU E 91 26.82 -11.78 13.01
CA LEU E 91 26.65 -11.32 11.65
C LEU E 91 26.11 -9.88 11.59
N VAL E 92 25.06 -9.56 12.39
CA VAL E 92 24.42 -8.24 12.47
C VAL E 92 25.46 -7.19 12.97
N LEU E 93 26.29 -7.55 13.97
CA LEU E 93 27.33 -6.67 14.53
C LEU E 93 28.47 -6.41 13.53
N ALA E 94 28.94 -7.46 12.85
CA ALA E 94 29.99 -7.38 11.85
C ALA E 94 29.60 -6.47 10.67
N ALA E 95 28.32 -6.54 10.25
CA ALA E 95 27.68 -5.70 9.22
C ALA E 95 27.82 -4.21 9.57
N MSE E 96 27.44 -3.87 10.81
CA MSE E 96 27.45 -2.52 11.38
C MSE E 96 28.86 -1.96 11.48
O MSE E 96 29.08 -0.81 11.07
CB MSE E 96 26.82 -2.55 12.78
CG MSE E 96 26.78 -1.19 13.44
SE MSE E 96 26.60 -1.30 15.34
CE MSE E 96 25.95 0.35 15.66
N ARG E 97 29.78 -2.78 12.04
CA ARG E 97 31.18 -2.44 12.26
C ARG E 97 31.88 -2.15 10.93
N ALA E 98 31.58 -2.95 9.88
CA ALA E 98 32.17 -2.81 8.55
C ALA E 98 31.69 -1.54 7.82
N GLY E 99 30.48 -1.08 8.14
CA GLY E 99 29.91 0.13 7.55
C GLY E 99 28.54 0.00 6.91
N ALA E 100 27.85 -1.16 7.09
CA ALA E 100 26.51 -1.32 6.52
C ALA E 100 25.50 -0.45 7.25
N ARG E 101 24.61 0.22 6.48
CA ARG E 101 23.55 1.13 6.95
C ARG E 101 22.31 0.34 7.44
N ASP E 102 22.16 -0.93 6.95
CA ASP E 102 21.01 -1.75 7.33
C ASP E 102 21.31 -3.25 7.20
N PHE E 103 20.45 -4.08 7.81
CA PHE E 103 20.52 -5.54 7.78
C PHE E 103 19.13 -6.11 7.54
N ILE E 104 19.01 -6.96 6.51
CA ILE E 104 17.73 -7.60 6.18
C ILE E 104 17.98 -9.08 6.07
N THR E 105 17.19 -9.88 6.79
CA THR E 105 17.27 -11.34 6.78
C THR E 105 16.87 -11.86 5.41
N TYR E 106 17.64 -12.82 4.85
CA TYR E 106 17.28 -13.47 3.59
C TYR E 106 15.95 -14.20 3.77
N GLY E 107 15.04 -13.96 2.84
CA GLY E 107 13.70 -14.54 2.85
C GLY E 107 12.68 -13.70 3.56
N ALA E 108 13.05 -12.50 4.03
CA ALA E 108 12.11 -11.61 4.72
C ALA E 108 11.02 -11.12 3.74
N ARG E 109 9.87 -10.62 4.26
CA ARG E 109 8.77 -10.07 3.46
C ARG E 109 9.31 -9.09 2.43
N ALA E 110 8.83 -9.14 1.15
CA ALA E 110 9.29 -8.20 0.10
C ALA E 110 9.13 -6.74 0.57
N SER E 111 8.13 -6.47 1.46
CA SER E 111 7.82 -5.14 2.00
C SER E 111 9.02 -4.56 2.79
N GLU E 112 9.90 -5.41 3.37
CA GLU E 112 11.12 -4.99 4.07
C GLU E 112 12.08 -4.36 3.10
N LEU E 113 12.18 -4.94 1.91
CA LEU E 113 13.11 -4.49 0.89
C LEU E 113 12.60 -3.23 0.20
N THR E 114 11.32 -3.21 -0.22
CA THR E 114 10.71 -2.03 -0.85
C THR E 114 10.62 -0.85 0.13
N GLY E 115 10.34 -1.16 1.40
CA GLY E 115 10.29 -0.16 2.47
C GLY E 115 11.64 0.49 2.66
N LEU E 116 12.71 -0.34 2.75
CA LEU E 116 14.10 0.11 2.88
C LEU E 116 14.50 1.07 1.75
N ILE E 117 14.14 0.75 0.50
CA ILE E 117 14.47 1.56 -0.67
C ILE E 117 13.71 2.92 -0.56
N ARG E 118 12.46 2.91 -0.05
CA ARG E 118 11.66 4.13 0.16
C ARG E 118 12.27 4.99 1.28
N ARG E 119 12.77 4.36 2.37
CA ARG E 119 13.43 5.07 3.47
C ARG E 119 14.74 5.73 3.00
N LEU E 120 15.56 5.00 2.22
CA LEU E 120 16.84 5.50 1.68
C LEU E 120 16.61 6.64 0.66
N GLY E 121 15.43 6.67 0.02
CA GLY E 121 15.05 7.69 -0.95
C GLY E 121 14.60 8.97 -0.26
N GLY F 1 -2.37 15.20 -7.53
CA GLY F 1 -1.14 14.78 -6.88
C GLY F 1 -1.22 14.74 -5.36
N MSE F 2 -0.05 14.99 -4.70
CA MSE F 2 0.18 15.01 -3.23
C MSE F 2 -1.02 15.62 -2.47
O MSE F 2 -1.47 15.04 -1.47
CB MSE F 2 1.45 15.84 -2.90
CG MSE F 2 1.67 16.13 -1.40
SE MSE F 2 2.80 17.70 -1.01
CE MSE F 2 1.72 19.15 -1.83
N ASN F 3 -1.49 16.81 -2.92
CA ASN F 3 -2.57 17.54 -2.29
C ASN F 3 -3.48 18.23 -3.32
N GLN F 4 -4.79 18.23 -3.02
CA GLN F 4 -5.83 18.84 -3.85
C GLN F 4 -7.14 19.00 -3.05
N ASN F 5 -7.99 19.90 -3.53
CA ASN F 5 -9.27 20.19 -2.94
C ASN F 5 -10.38 19.51 -3.70
N PHE F 6 -11.32 18.94 -2.96
CA PHE F 6 -12.52 18.31 -3.49
C PHE F 6 -13.72 19.05 -2.96
N VAL F 7 -14.77 19.22 -3.76
CA VAL F 7 -15.99 19.92 -3.32
C VAL F 7 -17.07 18.87 -3.13
N ALA F 8 -17.86 18.98 -2.05
CA ALA F 8 -18.90 18.01 -1.78
C ALA F 8 -20.25 18.67 -1.49
N LEU F 9 -21.28 18.17 -2.20
CA LEU F 9 -22.68 18.51 -2.05
C LEU F 9 -23.32 17.31 -1.40
N THR F 10 -23.36 17.31 -0.06
CA THR F 10 -23.88 16.19 0.73
C THR F 10 -25.28 16.49 1.22
N GLN F 11 -26.09 15.42 1.43
CA GLN F 11 -27.46 15.48 1.94
C GLN F 11 -27.47 15.47 3.47
N HIS F 12 -26.48 14.79 4.08
CA HIS F 12 -26.38 14.67 5.52
C HIS F 12 -24.88 14.65 5.96
N PRO F 13 -24.57 15.07 7.22
CA PRO F 13 -23.16 15.22 7.64
C PRO F 13 -22.34 13.94 7.65
N GLY F 14 -22.98 12.78 7.82
CA GLY F 14 -22.30 11.48 7.79
C GLY F 14 -21.57 11.23 6.50
N GLU F 15 -22.09 11.77 5.38
CA GLU F 15 -21.49 11.66 4.06
C GLU F 15 -20.22 12.49 3.97
N LEU F 16 -20.27 13.73 4.49
CA LEU F 16 -19.13 14.65 4.48
C LEU F 16 -17.98 14.08 5.30
N ASP F 17 -18.27 13.48 6.47
CA ASP F 17 -17.27 12.86 7.33
C ASP F 17 -16.61 11.68 6.65
N TRP F 18 -17.42 10.83 6.00
CA TRP F 18 -16.98 9.66 5.25
C TRP F 18 -16.02 10.08 4.12
N LEU F 19 -16.38 11.14 3.37
CA LEU F 19 -15.54 11.67 2.30
C LEU F 19 -14.22 12.23 2.83
N GLN F 20 -14.31 13.09 3.90
CA GLN F 20 -13.15 13.76 4.51
C GLN F 20 -12.17 12.76 5.09
N ASN F 21 -12.65 11.72 5.77
CA ASN F 21 -11.81 10.72 6.41
C ASN F 21 -11.15 9.81 5.39
N SER F 22 -11.89 9.39 4.37
CA SER F 22 -11.39 8.50 3.32
C SER F 22 -10.34 9.20 2.44
N LEU F 23 -10.53 10.50 2.16
CA LEU F 23 -9.65 11.26 1.26
C LEU F 23 -8.63 12.13 1.97
N ALA F 24 -8.49 12.01 3.30
CA ALA F 24 -7.58 12.81 4.14
C ALA F 24 -6.12 12.80 3.64
N SER F 25 -5.63 11.63 3.18
CA SER F 25 -4.27 11.45 2.65
C SER F 25 -4.09 12.11 1.27
N ALA F 26 -5.19 12.24 0.48
CA ALA F 26 -5.20 12.79 -0.88
C ALA F 26 -5.42 14.31 -0.90
N GLY F 27 -6.16 14.82 0.09
CA GLY F 27 -6.49 16.22 0.15
C GLY F 27 -7.57 16.62 1.13
N GLN F 28 -8.27 17.72 0.78
CA GLN F 28 -9.31 18.38 1.58
C GLN F 28 -10.66 18.31 0.91
N VAL F 29 -11.69 17.98 1.67
CA VAL F 29 -13.05 17.92 1.16
C VAL F 29 -13.78 19.17 1.68
N VAL F 30 -14.07 20.09 0.75
CA VAL F 30 -14.71 21.36 1.05
C VAL F 30 -16.25 21.23 0.86
N PRO F 31 -17.04 21.35 1.95
CA PRO F 31 -18.51 21.32 1.78
C PRO F 31 -19.02 22.57 1.05
N ALA F 32 -20.02 22.40 0.17
CA ALA F 32 -20.59 23.49 -0.60
C ALA F 32 -22.01 23.81 -0.18
N GLY F 33 -22.59 22.93 0.63
CA GLY F 33 -23.92 23.07 1.20
C GLY F 33 -25.00 23.41 0.20
N SER F 34 -25.73 24.50 0.50
CA SER F 34 -26.80 25.05 -0.33
C SER F 34 -26.19 26.14 -1.22
N ALA F 35 -25.70 25.72 -2.39
CA ALA F 35 -25.05 26.60 -3.34
C ALA F 35 -25.70 26.51 -4.70
N SER F 36 -25.89 27.67 -5.35
CA SER F 36 -26.43 27.77 -6.72
C SER F 36 -25.33 27.39 -7.71
N LEU F 37 -25.67 27.24 -9.01
CA LEU F 37 -24.69 26.88 -10.02
C LEU F 37 -23.56 27.92 -10.09
N GLU F 38 -23.93 29.23 -10.11
CA GLU F 38 -22.99 30.36 -10.16
C GLU F 38 -22.06 30.37 -8.95
N GLU F 39 -22.62 30.19 -7.74
CA GLU F 39 -21.89 30.14 -6.45
C GLU F 39 -20.93 28.95 -6.43
N LEU F 40 -21.42 27.79 -6.88
CA LEU F 40 -20.67 26.53 -6.94
C LEU F 40 -19.50 26.63 -7.92
N LEU F 41 -19.68 27.31 -9.07
CA LEU F 41 -18.61 27.49 -10.04
C LEU F 41 -17.51 28.39 -9.47
N ALA F 42 -17.90 29.41 -8.68
CA ALA F 42 -16.97 30.34 -8.00
C ALA F 42 -16.11 29.59 -6.97
N LEU F 43 -16.75 28.67 -6.23
CA LEU F 43 -16.12 27.83 -5.22
C LEU F 43 -15.12 26.86 -5.85
N LEU F 44 -15.49 26.24 -6.99
CA LEU F 44 -14.62 25.30 -7.72
C LEU F 44 -13.37 26.00 -8.23
N ASP F 45 -13.51 27.27 -8.66
CA ASP F 45 -12.44 28.08 -9.22
C ASP F 45 -11.43 28.51 -8.15
N VAL F 46 -11.91 29.01 -6.99
CA VAL F 46 -11.04 29.50 -5.92
C VAL F 46 -10.30 28.30 -5.22
N THR F 47 -10.96 27.12 -5.11
CA THR F 47 -10.36 25.93 -4.50
C THR F 47 -9.48 25.16 -5.48
N ALA F 48 -9.64 25.47 -6.80
CA ALA F 48 -8.96 24.81 -7.94
C ALA F 48 -9.28 23.29 -7.92
N ALA F 49 -10.51 22.97 -7.52
CA ALA F 49 -11.03 21.62 -7.41
C ALA F 49 -11.33 21.01 -8.77
N GLY F 50 -10.85 19.78 -8.96
CA GLY F 50 -11.07 19.03 -10.20
C GLY F 50 -12.10 17.93 -10.05
N VAL F 51 -12.52 17.66 -8.79
CA VAL F 51 -13.50 16.62 -8.47
C VAL F 51 -14.59 17.22 -7.59
N LEU F 52 -15.85 16.94 -7.96
CA LEU F 52 -17.03 17.36 -7.20
C LEU F 52 -17.86 16.12 -6.87
N PHE F 53 -18.14 15.93 -5.56
CA PHE F 53 -18.98 14.85 -5.07
C PHE F 53 -20.38 15.39 -4.88
N ILE F 54 -21.39 14.66 -5.39
CA ILE F 54 -22.79 15.08 -5.24
C ILE F 54 -23.63 13.88 -4.76
N SER F 55 -24.32 14.09 -3.63
CA SER F 55 -25.19 13.12 -3.01
C SER F 55 -26.56 13.13 -3.68
N LEU F 56 -26.97 11.96 -4.19
CA LEU F 56 -28.24 11.77 -4.87
C LEU F 56 -29.15 10.77 -4.13
N GLY F 57 -30.41 11.16 -4.05
CA GLY F 57 -31.51 10.40 -3.47
C GLY F 57 -32.75 10.60 -4.32
N LYS F 58 -33.83 9.84 -4.06
CA LYS F 58 -35.05 9.91 -4.86
C LYS F 58 -35.73 11.30 -4.73
N SER F 59 -35.63 11.94 -3.56
CA SER F 59 -36.25 13.25 -3.31
C SER F 59 -35.52 14.43 -4.02
N ASN F 60 -34.18 14.37 -4.16
CA ASN F 60 -33.44 15.48 -4.75
C ASN F 60 -32.92 15.21 -6.20
N LEU F 61 -33.18 14.01 -6.73
CA LEU F 61 -32.66 13.54 -8.02
C LEU F 61 -32.94 14.50 -9.20
N VAL F 62 -34.14 15.09 -9.29
CA VAL F 62 -34.50 15.97 -10.41
C VAL F 62 -33.70 17.29 -10.35
N SER F 63 -33.71 18.01 -9.20
CA SER F 63 -33.00 19.28 -9.06
C SER F 63 -31.47 19.10 -9.05
N GLN F 64 -30.94 18.06 -8.38
CA GLN F 64 -29.48 17.82 -8.33
C GLN F 64 -28.95 17.35 -9.68
N GLY F 65 -29.74 16.56 -10.40
CA GLY F 65 -29.41 16.09 -11.74
C GLY F 65 -29.25 17.25 -12.71
N ALA F 66 -30.15 18.25 -12.60
CA ALA F 66 -30.12 19.48 -13.41
C ALA F 66 -28.86 20.31 -13.09
N LEU F 67 -28.43 20.29 -11.82
CA LEU F 67 -27.24 20.99 -11.36
C LEU F 67 -25.98 20.35 -11.96
N VAL F 68 -25.91 18.99 -11.96
CA VAL F 68 -24.80 18.24 -12.56
C VAL F 68 -24.70 18.62 -14.04
N GLU F 69 -25.85 18.67 -14.75
CA GLU F 69 -25.94 19.03 -16.17
C GLU F 69 -25.33 20.42 -16.41
N GLY F 70 -25.65 21.38 -15.54
CA GLY F 70 -25.16 22.75 -15.59
C GLY F 70 -23.68 22.88 -15.33
N LEU F 71 -23.18 22.12 -14.33
CA LEU F 71 -21.75 22.09 -13.95
C LEU F 71 -20.89 21.52 -15.05
N VAL F 72 -21.29 20.36 -15.62
CA VAL F 72 -20.59 19.63 -16.68
C VAL F 72 -20.55 20.50 -17.97
N SER F 73 -21.65 21.23 -18.26
CA SER F 73 -21.75 22.14 -19.40
C SER F 73 -20.76 23.32 -19.25
N ALA F 74 -20.66 23.92 -18.04
CA ALA F 74 -19.78 25.06 -17.72
C ALA F 74 -18.32 24.65 -17.57
N ARG F 75 -18.06 23.52 -16.89
CA ARG F 75 -16.72 22.99 -16.64
C ARG F 75 -16.63 21.56 -17.21
N PRO F 76 -16.26 21.42 -18.49
CA PRO F 76 -16.18 20.06 -19.09
C PRO F 76 -15.04 19.20 -18.54
N MSE F 77 -14.01 19.84 -17.96
CA MSE F 77 -12.83 19.19 -17.37
C MSE F 77 -13.10 18.67 -15.93
O MSE F 77 -12.30 17.90 -15.40
CB MSE F 77 -11.63 20.15 -17.36
CG MSE F 77 -11.15 20.57 -18.75
SE MSE F 77 -10.58 19.06 -19.89
CE MSE F 77 -12.32 18.57 -20.85
N LEU F 78 -14.22 19.12 -15.33
CA LEU F 78 -14.60 18.73 -13.97
C LEU F 78 -15.09 17.27 -13.92
N SER F 79 -14.60 16.52 -12.92
CA SER F 79 -15.03 15.14 -12.69
C SER F 79 -16.14 15.17 -11.63
N VAL F 80 -17.37 14.82 -12.03
CA VAL F 80 -18.50 14.79 -11.08
C VAL F 80 -18.70 13.32 -10.68
N VAL F 81 -18.58 13.04 -9.37
CA VAL F 81 -18.75 11.72 -8.79
C VAL F 81 -20.02 11.71 -7.95
N ALA F 82 -21.01 10.91 -8.34
CA ALA F 82 -22.23 10.81 -7.54
C ALA F 82 -22.01 9.84 -6.38
N ILE F 83 -22.71 10.08 -5.28
CA ILE F 83 -22.66 9.21 -4.10
C ILE F 83 -24.10 8.99 -3.67
N GLY F 84 -24.36 7.86 -3.04
CA GLY F 84 -25.71 7.50 -2.58
C GLY F 84 -25.89 6.01 -2.55
N ASP F 85 -27.13 5.52 -2.76
CA ASP F 85 -27.40 4.09 -2.75
C ASP F 85 -27.04 3.48 -4.10
N GLY F 86 -25.90 2.80 -4.15
CA GLY F 86 -25.38 2.16 -5.35
C GLY F 86 -26.15 0.93 -5.78
N LEU F 87 -27.06 0.44 -4.92
CA LEU F 87 -27.94 -0.70 -5.23
C LEU F 87 -29.19 -0.24 -5.99
N ASP F 88 -29.43 1.07 -5.98
CA ASP F 88 -30.57 1.75 -6.59
C ASP F 88 -30.22 2.11 -8.01
N ASN F 89 -30.78 1.34 -8.94
CA ASN F 89 -30.62 1.45 -10.39
C ASN F 89 -31.01 2.85 -10.90
N GLN F 90 -32.16 3.39 -10.42
CA GLN F 90 -32.68 4.71 -10.76
C GLN F 90 -31.65 5.82 -10.59
N LEU F 91 -30.96 5.81 -9.43
CA LEU F 91 -29.95 6.79 -9.05
C LEU F 91 -28.67 6.68 -9.86
N VAL F 92 -28.23 5.44 -10.11
CA VAL F 92 -26.98 5.16 -10.83
C VAL F 92 -27.15 5.61 -12.29
N LEU F 93 -28.31 5.29 -12.92
CA LEU F 93 -28.64 5.71 -14.28
C LEU F 93 -28.78 7.23 -14.38
N ALA F 94 -29.52 7.85 -13.44
CA ALA F 94 -29.75 9.29 -13.42
C ALA F 94 -28.44 10.08 -13.28
N ALA F 95 -27.50 9.54 -12.47
CA ALA F 95 -26.18 10.13 -12.27
C ALA F 95 -25.46 10.19 -13.59
N MSE F 96 -25.39 9.03 -14.29
CA MSE F 96 -24.70 8.84 -15.57
C MSE F 96 -25.25 9.78 -16.64
O MSE F 96 -24.47 10.44 -17.35
CB MSE F 96 -24.88 7.38 -16.02
CG MSE F 96 -24.25 7.08 -17.36
SE MSE F 96 -25.05 5.54 -18.23
CE MSE F 96 -23.73 5.21 -19.47
N ARG F 97 -26.60 9.80 -16.78
CA ARG F 97 -27.36 10.60 -17.72
C ARG F 97 -27.10 12.10 -17.51
N ALA F 98 -27.03 12.56 -16.25
CA ALA F 98 -26.78 13.95 -15.87
C ALA F 98 -25.35 14.41 -16.24
N GLY F 99 -24.40 13.48 -16.28
CA GLY F 99 -23.00 13.78 -16.61
C GLY F 99 -21.98 13.33 -15.60
N ALA F 100 -22.41 12.60 -14.55
CA ALA F 100 -21.50 12.09 -13.53
C ALA F 100 -20.64 11.01 -14.15
N ARG F 101 -19.32 11.06 -13.91
CA ARG F 101 -18.44 10.08 -14.56
C ARG F 101 -18.13 8.89 -13.63
N ASP F 102 -18.67 8.89 -12.36
CA ASP F 102 -18.57 7.74 -11.47
C ASP F 102 -19.67 7.82 -10.39
N PHE F 103 -19.90 6.68 -9.68
CA PHE F 103 -20.84 6.50 -8.58
C PHE F 103 -20.19 5.71 -7.47
N ILE F 104 -20.15 6.26 -6.24
CA ILE F 104 -19.57 5.52 -5.12
C ILE F 104 -20.67 5.45 -4.08
N THR F 105 -20.93 4.27 -3.54
CA THR F 105 -21.98 4.11 -2.52
C THR F 105 -21.51 4.76 -1.23
N TYR F 106 -22.38 5.54 -0.54
CA TYR F 106 -22.05 6.12 0.75
C TYR F 106 -21.77 4.98 1.73
N GLY F 107 -20.64 5.08 2.43
CA GLY F 107 -20.21 4.09 3.39
C GLY F 107 -19.31 3.03 2.81
N ALA F 108 -18.96 3.13 1.51
CA ALA F 108 -18.04 2.18 0.85
C ALA F 108 -16.65 2.24 1.48
N ARG F 109 -15.84 1.18 1.27
CA ARG F 109 -14.45 1.14 1.71
C ARG F 109 -13.71 2.42 1.33
N ALA F 110 -12.84 2.97 2.21
CA ALA F 110 -12.08 4.18 1.89
C ALA F 110 -11.24 3.95 0.61
N SER F 111 -10.84 2.66 0.36
CA SER F 111 -10.17 2.09 -0.81
C SER F 111 -10.79 2.55 -2.11
N GLU F 112 -12.13 2.51 -2.17
CA GLU F 112 -12.96 2.86 -3.33
C GLU F 112 -12.81 4.38 -3.65
N LEU F 113 -12.62 5.23 -2.64
CA LEU F 113 -12.48 6.66 -2.88
C LEU F 113 -11.05 7.04 -3.25
N THR F 114 -10.04 6.48 -2.57
CA THR F 114 -8.62 6.72 -2.90
C THR F 114 -8.29 6.10 -4.26
N GLY F 115 -8.92 4.96 -4.57
CA GLY F 115 -8.80 4.26 -5.83
C GLY F 115 -9.32 5.08 -6.98
N LEU F 116 -10.46 5.76 -6.76
CA LEU F 116 -11.09 6.69 -7.71
C LEU F 116 -10.15 7.83 -8.07
N ILE F 117 -9.59 8.45 -7.04
CA ILE F 117 -8.74 9.63 -7.18
C ILE F 117 -7.47 9.22 -7.97
N ARG F 118 -6.93 8.00 -7.75
CA ARG F 118 -5.78 7.48 -8.49
C ARG F 118 -6.15 7.23 -9.96
N ARG F 119 -7.34 6.69 -10.23
CA ARG F 119 -7.85 6.45 -11.59
C ARG F 119 -8.09 7.76 -12.34
N LEU F 120 -8.68 8.78 -11.68
CA LEU F 120 -8.94 10.09 -12.28
C LEU F 120 -7.62 10.84 -12.57
N GLY F 121 -6.55 10.51 -11.84
CA GLY F 121 -5.22 11.10 -12.05
C GLY F 121 -4.47 10.43 -13.18
N ASN G 3 2.81 12.61 30.39
CA ASN G 3 1.53 12.64 29.67
C ASN G 3 0.52 11.68 30.35
N GLN G 4 -0.52 12.27 30.99
CA GLN G 4 -1.54 11.55 31.75
C GLN G 4 -2.78 11.20 30.88
N ASN G 5 -3.63 10.29 31.38
CA ASN G 5 -4.84 9.82 30.67
C ASN G 5 -6.09 10.34 31.34
N PHE G 6 -7.03 10.84 30.53
CA PHE G 6 -8.33 11.35 30.98
C PHE G 6 -9.42 10.50 30.33
N VAL G 7 -10.51 10.24 31.03
CA VAL G 7 -11.60 9.46 30.47
C VAL G 7 -12.78 10.44 30.28
N ALA G 8 -13.52 10.33 29.16
CA ALA G 8 -14.64 11.24 28.89
C ALA G 8 -15.90 10.48 28.48
N LEU G 9 -17.02 10.84 29.14
CA LEU G 9 -18.39 10.38 28.90
C LEU G 9 -19.12 11.58 28.36
N THR G 10 -19.10 11.74 27.03
CA THR G 10 -19.66 12.91 26.35
C THR G 10 -21.00 12.58 25.76
N GLN G 11 -21.89 13.59 25.60
CA GLN G 11 -23.19 13.28 25.03
C GLN G 11 -23.25 13.77 23.54
N HIS G 12 -22.18 14.40 23.01
CA HIS G 12 -22.08 14.75 21.61
C HIS G 12 -20.59 14.90 21.25
N PRO G 13 -20.22 14.60 19.97
CA PRO G 13 -18.80 14.58 19.58
C PRO G 13 -18.06 15.91 19.73
N GLY G 14 -18.75 17.04 19.60
CA GLY G 14 -18.18 18.37 19.75
C GLY G 14 -17.47 18.56 21.09
N GLU G 15 -18.02 17.94 22.16
CA GLU G 15 -17.46 17.97 23.51
C GLU G 15 -16.15 17.22 23.55
N LEU G 16 -16.11 16.01 22.97
CA LEU G 16 -14.93 15.15 22.97
C LEU G 16 -13.78 15.81 22.21
N ASP G 17 -14.07 16.41 21.06
CA ASP G 17 -13.08 17.11 20.25
C ASP G 17 -12.46 18.27 20.97
N TRP G 18 -13.28 19.09 21.63
CA TRP G 18 -12.80 20.26 22.36
C TRP G 18 -11.95 19.78 23.56
N LEU G 19 -12.37 18.72 24.29
CA LEU G 19 -11.55 18.16 25.38
C LEU G 19 -10.21 17.67 24.87
N GLN G 20 -10.20 16.86 23.79
CA GLN G 20 -9.00 16.29 23.17
C GLN G 20 -8.05 17.37 22.65
N ASN G 21 -8.59 18.42 21.99
CA ASN G 21 -7.78 19.52 21.47
C ASN G 21 -7.20 20.39 22.62
N SER G 22 -8.01 20.69 23.64
CA SER G 22 -7.59 21.56 24.76
C SER G 22 -6.58 20.86 25.70
N LEU G 23 -6.63 19.53 25.80
CA LEU G 23 -5.76 18.76 26.68
C LEU G 23 -4.68 17.93 25.93
N ALA G 24 -4.49 18.19 24.62
CA ALA G 24 -3.52 17.47 23.76
C ALA G 24 -2.10 17.52 24.32
N SER G 25 -1.70 18.68 24.89
CA SER G 25 -0.38 18.89 25.48
C SER G 25 -0.22 18.14 26.82
N ALA G 26 -1.32 17.92 27.55
CA ALA G 26 -1.37 17.30 28.87
C ALA G 26 -1.46 15.78 28.83
N GLY G 27 -2.04 15.24 27.78
CA GLY G 27 -2.16 13.80 27.63
C GLY G 27 -3.22 13.36 26.65
N GLN G 28 -3.86 12.24 26.96
CA GLN G 28 -4.87 11.59 26.12
C GLN G 28 -6.25 11.64 26.73
N VAL G 29 -7.28 12.02 25.92
CA VAL G 29 -8.68 12.00 26.35
C VAL G 29 -9.30 10.75 25.70
N VAL G 30 -9.54 9.72 26.51
CA VAL G 30 -10.08 8.45 26.07
C VAL G 30 -11.61 8.46 26.18
N PRO G 31 -12.36 8.41 25.04
CA PRO G 31 -13.84 8.29 25.14
C PRO G 31 -14.26 6.91 25.68
N ALA G 32 -15.29 6.90 26.53
CA ALA G 32 -15.78 5.69 27.19
C ALA G 32 -17.25 5.43 26.94
N GLY G 33 -17.69 4.22 27.31
CA GLY G 33 -19.09 3.79 27.29
C GLY G 33 -19.67 3.66 28.70
N SER G 34 -20.57 4.61 29.07
CA SER G 34 -21.26 4.71 30.38
C SER G 34 -22.06 3.46 30.72
N ALA G 35 -22.20 2.54 29.75
CA ALA G 35 -22.97 1.29 29.78
C ALA G 35 -22.78 0.51 31.10
N SER G 36 -21.55 0.50 31.65
CA SER G 36 -21.26 -0.26 32.87
C SER G 36 -20.25 0.47 33.74
N LEU G 37 -20.60 0.60 35.03
CA LEU G 37 -19.73 1.12 36.09
C LEU G 37 -18.50 0.22 36.23
N GLU G 38 -18.71 -1.11 36.18
CA GLU G 38 -17.68 -2.16 36.28
C GLU G 38 -16.62 -2.00 35.17
N GLU G 39 -17.08 -1.82 33.90
CA GLU G 39 -16.24 -1.66 32.72
C GLU G 39 -15.46 -0.33 32.79
N LEU G 40 -16.14 0.75 33.23
CA LEU G 40 -15.59 2.08 33.40
C LEU G 40 -14.49 2.08 34.47
N LEU G 41 -14.68 1.33 35.58
CA LEU G 41 -13.68 1.23 36.65
C LEU G 41 -12.43 0.50 36.14
N ALA G 42 -12.62 -0.53 35.31
CA ALA G 42 -11.51 -1.29 34.70
C ALA G 42 -10.67 -0.38 33.78
N LEU G 43 -11.34 0.49 33.00
CA LEU G 43 -10.72 1.45 32.09
C LEU G 43 -9.91 2.50 32.89
N LEU G 44 -10.47 3.00 34.00
CA LEU G 44 -9.81 4.01 34.85
C LEU G 44 -8.56 3.45 35.50
N ASP G 45 -8.59 2.16 35.87
CA ASP G 45 -7.48 1.47 36.52
C ASP G 45 -6.31 1.23 35.59
N VAL G 46 -6.59 0.72 34.38
CA VAL G 46 -5.55 0.35 33.44
C VAL G 46 -4.91 1.63 32.83
N THR G 47 -5.69 2.72 32.67
CA THR G 47 -5.17 3.99 32.13
C THR G 47 -4.51 4.82 33.23
N ALA G 48 -4.77 4.48 34.51
CA ALA G 48 -4.34 5.18 35.75
C ALA G 48 -4.81 6.65 35.67
N ALA G 49 -6.03 6.82 35.12
CA ALA G 49 -6.71 8.10 34.95
C ALA G 49 -7.17 8.63 36.31
N GLY G 50 -6.80 9.88 36.57
CA GLY G 50 -7.16 10.59 37.79
C GLY G 50 -8.31 11.55 37.59
N VAL G 51 -8.67 11.82 36.33
CA VAL G 51 -9.75 12.74 35.97
C VAL G 51 -10.71 12.05 34.99
N LEU G 52 -12.01 12.15 35.28
CA LEU G 52 -13.09 11.67 34.43
C LEU G 52 -14.03 12.82 34.13
N PHE G 53 -14.26 13.08 32.84
CA PHE G 53 -15.17 14.10 32.36
C PHE G 53 -16.52 13.46 32.06
N ILE G 54 -17.61 14.02 32.60
CA ILE G 54 -18.94 13.48 32.37
C ILE G 54 -19.87 14.64 31.96
N SER G 55 -20.52 14.47 30.82
CA SER G 55 -21.44 15.46 30.28
C SER G 55 -22.81 15.27 30.92
N LEU G 56 -23.31 16.33 31.58
CA LEU G 56 -24.58 16.35 32.29
C LEU G 56 -25.56 17.34 31.70
N GLY G 57 -26.79 16.88 31.63
CA GLY G 57 -27.92 17.65 31.13
C GLY G 57 -29.18 17.21 31.83
N LYS G 58 -30.26 17.94 31.63
CA LYS G 58 -31.54 17.68 32.23
C LYS G 58 -32.05 16.27 31.88
N SER G 59 -31.84 15.78 30.64
CA SER G 59 -32.33 14.48 30.21
C SER G 59 -31.55 13.28 30.80
N ASN G 60 -30.24 13.39 31.04
CA ASN G 60 -29.45 12.25 31.54
C ASN G 60 -29.03 12.37 33.03
N LEU G 61 -29.43 13.45 33.70
CA LEU G 61 -29.05 13.80 35.06
C LEU G 61 -29.25 12.67 36.09
N VAL G 62 -30.40 11.95 36.05
CA VAL G 62 -30.70 10.94 37.07
C VAL G 62 -29.75 9.72 36.90
N SER G 63 -29.64 9.15 35.69
CA SER G 63 -28.77 7.99 35.45
C SER G 63 -27.27 8.33 35.53
N GLN G 64 -26.84 9.49 35.02
CA GLN G 64 -25.43 9.87 35.05
C GLN G 64 -24.99 10.27 36.44
N GLY G 65 -25.90 10.88 37.21
CA GLY G 65 -25.69 11.27 38.60
C GLY G 65 -25.44 10.02 39.46
N ALA G 66 -26.21 8.95 39.22
CA ALA G 66 -26.08 7.66 39.89
C ALA G 66 -24.72 7.02 39.57
N LEU G 67 -24.24 7.19 38.32
CA LEU G 67 -22.97 6.69 37.86
C LEU G 67 -21.82 7.42 38.57
N VAL G 68 -21.89 8.77 38.68
CA VAL G 68 -20.90 9.59 39.40
C VAL G 68 -20.82 9.10 40.86
N GLU G 69 -21.98 8.84 41.50
CA GLU G 69 -22.08 8.32 42.87
C GLU G 69 -21.33 7.00 43.01
N GLY G 70 -21.51 6.10 42.03
CA GLY G 70 -20.87 4.79 41.99
C GLY G 70 -19.37 4.85 41.81
N LEU G 71 -18.92 5.73 40.91
CA LEU G 71 -17.52 5.96 40.60
C LEU G 71 -16.75 6.53 41.79
N VAL G 72 -17.31 7.59 42.42
CA VAL G 72 -16.73 8.31 43.57
C VAL G 72 -16.68 7.37 44.79
N SER G 73 -17.70 6.51 44.95
CA SER G 73 -17.75 5.53 46.05
C SER G 73 -16.63 4.50 45.90
N ALA G 74 -16.41 4.00 44.66
CA ALA G 74 -15.41 2.99 44.35
C ALA G 74 -13.99 3.57 44.30
N ARG G 75 -13.81 4.76 43.70
CA ARG G 75 -12.52 5.44 43.56
C ARG G 75 -12.62 6.82 44.21
N PRO G 76 -12.32 6.93 45.52
CA PRO G 76 -12.46 8.22 46.22
C PRO G 76 -11.42 9.26 45.78
N MSE G 77 -10.28 8.83 45.20
CA MSE G 77 -9.23 9.71 44.73
C MSE G 77 -9.50 10.29 43.33
O MSE G 77 -8.81 11.21 42.91
CB MSE G 77 -7.86 8.98 44.72
CG MSE G 77 -7.37 8.53 46.08
SE MSE G 77 -7.10 10.01 47.34
CE MSE G 77 -8.90 10.07 48.27
N LEU G 78 -10.51 9.73 42.62
CA LEU G 78 -10.88 10.15 41.27
C LEU G 78 -11.55 11.52 41.27
N SER G 79 -11.10 12.41 40.38
CA SER G 79 -11.68 13.73 40.20
C SER G 79 -12.71 13.65 39.05
N VAL G 80 -13.98 13.82 39.38
CA VAL G 80 -15.03 13.80 38.37
C VAL G 80 -15.38 15.25 38.06
N VAL G 81 -15.20 15.65 36.78
CA VAL G 81 -15.46 17.00 36.28
C VAL G 81 -16.68 16.92 35.38
N ALA G 82 -17.74 17.65 35.76
CA ALA G 82 -18.96 17.70 34.98
C ALA G 82 -18.84 18.74 33.87
N ILE G 83 -19.50 18.48 32.75
CA ILE G 83 -19.57 19.33 31.55
C ILE G 83 -21.03 19.59 31.24
N GLY G 84 -21.37 20.82 30.88
CA GLY G 84 -22.75 21.14 30.53
C GLY G 84 -23.14 22.57 30.77
N ASP G 85 -24.45 22.83 30.91
CA ASP G 85 -24.99 24.16 31.17
C ASP G 85 -24.75 24.54 32.64
N GLY G 86 -23.58 25.11 32.90
CA GLY G 86 -23.17 25.57 34.23
C GLY G 86 -23.94 26.75 34.76
N LEU G 87 -24.75 27.39 33.91
CA LEU G 87 -25.60 28.51 34.31
C LEU G 87 -26.88 28.00 34.99
N ASP G 88 -27.12 26.68 34.92
CA ASP G 88 -28.25 25.98 35.54
C ASP G 88 -27.83 25.52 36.95
N ASN G 89 -28.26 26.26 37.98
CA ASN G 89 -27.94 25.99 39.38
C ASN G 89 -28.40 24.59 39.81
N GLN G 90 -29.62 24.14 39.37
CA GLN G 90 -30.12 22.78 39.63
C GLN G 90 -29.11 21.71 39.22
N LEU G 91 -28.54 21.88 38.02
CA LEU G 91 -27.61 20.96 37.38
C LEU G 91 -26.22 20.93 38.10
N VAL G 92 -25.71 22.09 38.51
CA VAL G 92 -24.47 22.25 39.28
C VAL G 92 -24.66 21.61 40.68
N LEU G 93 -25.86 21.78 41.31
CA LEU G 93 -26.17 21.20 42.61
C LEU G 93 -26.21 19.67 42.54
N ALA G 94 -26.84 19.10 41.49
CA ALA G 94 -26.93 17.66 41.26
C ALA G 94 -25.53 17.05 41.08
N ALA G 95 -24.61 17.76 40.39
CA ALA G 95 -23.24 17.31 40.18
C ALA G 95 -22.48 17.32 41.52
N MSE G 96 -22.60 18.42 42.27
CA MSE G 96 -21.99 18.61 43.59
C MSE G 96 -22.43 17.50 44.58
O MSE G 96 -21.61 16.96 45.31
CB MSE G 96 -22.42 19.98 44.11
CG MSE G 96 -21.67 20.45 45.31
SE MSE G 96 -22.53 22.00 46.10
CE MSE G 96 -23.18 22.95 44.49
N ARG G 97 -23.75 17.20 44.60
CA ARG G 97 -24.37 16.18 45.44
C ARG G 97 -23.93 14.78 45.05
N ALA G 98 -23.80 14.52 43.72
CA ALA G 98 -23.39 13.24 43.15
C ALA G 98 -21.93 12.92 43.48
N GLY G 99 -21.08 13.96 43.61
CA GLY G 99 -19.67 13.82 43.92
C GLY G 99 -18.69 14.46 42.93
N ALA G 100 -19.19 15.23 41.94
CA ALA G 100 -18.31 15.90 40.98
C ALA G 100 -17.55 17.03 41.72
N ARG G 101 -16.23 17.07 41.49
CA ARG G 101 -15.30 18.01 42.10
C ARG G 101 -15.40 19.40 41.41
N ASP G 102 -15.71 19.44 40.08
CA ASP G 102 -15.80 20.70 39.35
C ASP G 102 -16.81 20.61 38.20
N PHE G 103 -17.06 21.77 37.51
CA PHE G 103 -18.02 21.95 36.42
C PHE G 103 -17.50 22.90 35.33
N ILE G 104 -17.36 22.40 34.08
CA ILE G 104 -16.96 23.21 32.90
C ILE G 104 -18.22 23.54 32.10
N THR G 105 -18.55 24.84 32.00
CA THR G 105 -19.75 25.31 31.29
C THR G 105 -19.53 25.47 29.79
N TYR G 106 -20.61 25.33 29.00
CA TYR G 106 -20.61 25.59 27.56
C TYR G 106 -20.19 27.08 27.34
N GLY G 107 -19.24 27.30 26.45
CA GLY G 107 -18.74 28.64 26.18
C GLY G 107 -17.41 28.90 26.87
N ALA G 108 -16.91 27.91 27.65
CA ALA G 108 -15.63 28.00 28.35
C ALA G 108 -14.45 27.94 27.38
N ARG G 109 -13.44 28.74 27.69
CA ARG G 109 -12.18 28.79 26.98
C ARG G 109 -11.34 27.60 27.39
N ALA G 110 -10.39 27.23 26.53
CA ALA G 110 -9.47 26.14 26.81
C ALA G 110 -8.62 26.40 28.08
N SER G 111 -8.22 27.67 28.33
CA SER G 111 -7.41 28.14 29.47
C SER G 111 -8.08 27.81 30.84
N GLU G 112 -9.44 27.77 30.87
CA GLU G 112 -10.20 27.37 32.05
C GLU G 112 -10.01 25.89 32.35
N LEU G 113 -9.99 25.06 31.29
CA LEU G 113 -9.82 23.62 31.44
C LEU G 113 -8.40 23.29 31.90
N THR G 114 -7.38 23.83 31.19
CA THR G 114 -5.96 23.60 31.51
C THR G 114 -5.64 24.10 32.92
N GLY G 115 -6.30 25.19 33.33
CA GLY G 115 -6.18 25.77 34.67
C GLY G 115 -6.68 24.83 35.74
N LEU G 116 -7.84 24.19 35.48
CA LEU G 116 -8.47 23.18 36.34
C LEU G 116 -7.57 21.93 36.51
N ILE G 117 -6.96 21.44 35.43
CA ILE G 117 -6.08 20.27 35.46
C ILE G 117 -4.83 20.59 36.33
N ARG G 118 -4.31 21.84 36.23
CA ARG G 118 -3.15 22.28 37.03
C ARG G 118 -3.53 22.35 38.51
N ARG G 119 -4.75 22.84 38.83
CA ARG G 119 -5.27 22.93 40.21
C ARG G 119 -5.47 21.53 40.82
N LEU G 120 -6.05 20.58 40.04
CA LEU G 120 -6.28 19.20 40.48
C LEU G 120 -4.95 18.44 40.71
N GLY G 121 -3.88 18.87 40.03
CA GLY G 121 -2.55 18.30 40.16
C GLY G 121 -1.83 18.79 41.39
N MSE H 2 -10.81 18.20 15.60
N MSE H 2 -12.13 19.19 16.28
CA MSE H 2 -11.98 19.11 15.60
CA MSE H 2 -11.72 18.39 15.11
C MSE H 2 -12.49 19.42 14.21
C MSE H 2 -12.47 18.85 13.86
O MSE H 2 -11.74 19.94 13.40
O MSE H 2 -11.86 18.88 12.80
CB MSE H 2 -11.70 20.44 16.30
CB MSE H 2 -11.97 16.88 15.34
CG MSE H 2 -11.84 20.40 17.78
CG MSE H 2 -10.92 15.95 14.81
SE MSE H 2 -11.80 22.17 18.50
SE MSE H 2 -11.69 14.46 13.79
CE MSE H 2 -13.34 22.86 17.79
CE MSE H 2 -13.02 13.70 15.08
N ASN H 3 -13.79 19.16 13.96
CA ASN H 3 -14.51 19.47 12.72
C ASN H 3 -14.69 20.96 12.50
N GLN H 4 -13.64 21.62 12.02
CA GLN H 4 -13.72 23.03 11.67
C GLN H 4 -12.70 23.31 10.55
N ASN H 5 -12.93 24.40 9.81
CA ASN H 5 -12.11 24.68 8.65
C ASN H 5 -11.36 25.99 8.76
N PHE H 6 -10.15 25.98 8.26
CA PHE H 6 -9.27 27.14 8.17
C PHE H 6 -8.85 27.26 6.72
N VAL H 7 -8.59 28.48 6.27
CA VAL H 7 -8.18 28.78 4.91
C VAL H 7 -6.71 29.24 4.96
N ALA H 8 -5.87 28.81 3.99
CA ALA H 8 -4.46 29.15 3.96
C ALA H 8 -4.03 29.64 2.59
N LEU H 9 -3.38 30.80 2.60
CA LEU H 9 -2.74 31.46 1.46
C LEU H 9 -1.26 31.31 1.67
N THR H 10 -0.69 30.20 1.16
CA THR H 10 0.73 29.86 1.36
C THR H 10 1.53 30.28 0.14
N GLN H 11 2.83 30.57 0.33
CA GLN H 11 3.65 30.95 -0.83
C GLN H 11 4.65 29.79 -1.18
N HIS H 12 4.68 28.69 -0.36
CA HIS H 12 5.48 27.45 -0.52
C HIS H 12 4.63 26.19 -0.15
N PRO H 13 4.73 25.01 -0.84
CA PRO H 13 3.93 23.82 -0.41
C PRO H 13 4.30 23.27 0.98
N GLY H 14 5.57 23.48 1.38
CA GLY H 14 6.10 23.11 2.69
C GLY H 14 5.32 23.76 3.81
N GLU H 15 4.80 24.99 3.59
CA GLU H 15 3.99 25.73 4.55
C GLU H 15 2.65 25.07 4.75
N LEU H 16 1.99 24.66 3.64
CA LEU H 16 0.69 24.02 3.71
C LEU H 16 0.77 22.68 4.47
N ASP H 17 1.81 21.88 4.22
CA ASP H 17 2.01 20.60 4.91
C ASP H 17 2.23 20.83 6.41
N TRP H 18 3.06 21.81 6.75
CA TRP H 18 3.38 22.22 8.12
C TRP H 18 2.10 22.67 8.86
N LEU H 19 1.28 23.56 8.26
CA LEU H 19 0.02 23.99 8.86
C LEU H 19 -0.91 22.81 9.11
N GLN H 20 -1.17 22.00 8.08
CA GLN H 20 -2.02 20.80 8.11
C GLN H 20 -1.63 19.83 9.24
N ASN H 21 -0.36 19.40 9.27
CA ASN H 21 0.17 18.45 10.27
C ASN H 21 0.07 19.03 11.66
N SER H 22 0.45 20.33 11.81
CA SER H 22 0.47 21.07 13.06
C SER H 22 -0.89 21.32 13.65
N LEU H 23 -1.87 21.77 12.84
CA LEU H 23 -3.17 22.19 13.35
C LEU H 23 -4.26 21.12 13.16
N ALA H 24 -3.86 19.85 12.94
CA ALA H 24 -4.76 18.74 12.71
C ALA H 24 -5.81 18.57 13.84
N SER H 25 -5.43 18.69 15.11
CA SER H 25 -6.38 18.48 16.22
C SER H 25 -7.45 19.59 16.27
N ALA H 26 -7.18 20.75 15.69
CA ALA H 26 -8.10 21.88 15.70
C ALA H 26 -8.95 21.93 14.43
N GLY H 27 -8.42 21.48 13.29
CA GLY H 27 -9.20 21.49 12.06
C GLY H 27 -8.48 21.15 10.77
N GLN H 28 -9.23 21.34 9.68
CA GLN H 28 -8.79 21.12 8.31
C GLN H 28 -8.31 22.45 7.71
N VAL H 29 -7.11 22.44 7.11
CA VAL H 29 -6.55 23.62 6.48
C VAL H 29 -6.80 23.46 4.95
N VAL H 30 -7.62 24.36 4.40
CA VAL H 30 -8.00 24.41 2.98
C VAL H 30 -7.14 25.44 2.22
N PRO H 31 -6.29 25.00 1.26
CA PRO H 31 -5.48 25.97 0.48
C PRO H 31 -6.35 26.81 -0.47
N ALA H 32 -5.89 28.03 -0.82
N ALA H 32 -6.00 28.10 -0.68
CA ALA H 32 -6.63 28.89 -1.75
CA ALA H 32 -6.81 28.98 -1.53
C ALA H 32 -5.71 29.46 -2.87
C ALA H 32 -5.97 29.98 -2.36
N GLY H 33 -4.41 29.57 -2.62
N GLY H 33 -6.64 30.61 -3.32
CA GLY H 33 -3.43 30.07 -3.58
CA GLY H 33 -6.10 31.62 -4.22
C GLY H 33 -3.55 31.55 -3.87
C GLY H 33 -6.32 33.04 -3.72
N SER H 34 -3.54 31.91 -5.18
N SER H 34 -5.27 33.87 -3.83
CA SER H 34 -3.69 33.29 -5.66
CA SER H 34 -5.19 35.28 -3.40
C SER H 34 -5.12 33.51 -6.16
C SER H 34 -5.67 36.24 -4.50
N ALA H 35 -5.94 34.18 -5.33
N ALA H 35 -5.76 35.74 -5.76
CA ALA H 35 -7.36 34.41 -5.59
CA ALA H 35 -6.14 36.47 -6.99
C ALA H 35 -7.81 35.84 -5.30
C ALA H 35 -7.40 37.35 -6.84
N SER H 36 -8.91 36.25 -5.96
N SER H 36 -8.40 36.89 -6.06
CA SER H 36 -9.56 37.55 -5.78
CA SER H 36 -9.66 37.62 -5.85
C SER H 36 -10.26 37.57 -4.41
C SER H 36 -10.12 37.58 -4.38
N LEU H 37 -10.41 38.77 -3.83
CA LEU H 37 -11.00 39.00 -2.49
C LEU H 37 -12.44 38.47 -2.45
N GLU H 38 -13.22 38.71 -3.53
CA GLU H 38 -14.61 38.27 -3.70
C GLU H 38 -14.73 36.75 -3.62
N GLU H 39 -13.85 36.00 -4.35
CA GLU H 39 -13.82 34.54 -4.36
C GLU H 39 -13.41 33.98 -2.97
N LEU H 40 -12.42 34.61 -2.34
CA LEU H 40 -11.90 34.27 -1.02
C LEU H 40 -13.00 34.44 0.05
N LEU H 41 -13.80 35.51 -0.05
CA LEU H 41 -14.91 35.76 0.90
C LEU H 41 -16.00 34.71 0.74
N ALA H 42 -16.28 34.26 -0.49
CA ALA H 42 -17.27 33.22 -0.80
C ALA H 42 -16.85 31.87 -0.19
N LEU H 43 -15.54 31.52 -0.30
CA LEU H 43 -14.99 30.29 0.28
C LEU H 43 -15.10 30.35 1.82
N LEU H 44 -14.71 31.49 2.45
CA LEU H 44 -14.76 31.68 3.90
C LEU H 44 -16.18 31.51 4.45
N ASP H 45 -17.19 31.96 3.70
CA ASP H 45 -18.60 31.88 4.06
C ASP H 45 -19.14 30.45 4.00
N VAL H 46 -18.88 29.73 2.88
CA VAL H 46 -19.40 28.38 2.68
C VAL H 46 -18.67 27.37 3.64
N THR H 47 -17.37 27.59 3.91
CA THR H 47 -16.62 26.70 4.80
C THR H 47 -16.79 27.07 6.29
N ALA H 48 -17.42 28.27 6.55
CA ALA H 48 -17.65 28.83 7.89
C ALA H 48 -16.31 28.93 8.65
N ALA H 49 -15.26 29.30 7.91
CA ALA H 49 -13.91 29.47 8.41
C ALA H 49 -13.82 30.78 9.19
N GLY H 50 -13.31 30.68 10.41
CA GLY H 50 -13.11 31.83 11.28
C GLY H 50 -11.66 32.25 11.35
N VAL H 51 -10.76 31.43 10.78
CA VAL H 51 -9.33 31.69 10.78
C VAL H 51 -8.80 31.56 9.36
N LEU H 52 -8.00 32.56 8.94
CA LEU H 52 -7.32 32.58 7.67
C LEU H 52 -5.81 32.75 7.91
N PHE H 53 -5.01 31.84 7.37
CA PHE H 53 -3.55 31.89 7.43
C PHE H 53 -3.02 32.52 6.14
N ILE H 54 -2.15 33.52 6.26
CA ILE H 54 -1.59 34.18 5.09
C ILE H 54 -0.07 34.25 5.26
N SER H 55 0.65 33.74 4.26
CA SER H 55 2.11 33.74 4.24
C SER H 55 2.60 35.10 3.73
N LEU H 56 3.40 35.79 4.56
CA LEU H 56 3.94 37.12 4.27
C LEU H 56 5.47 37.12 4.23
N GLY H 57 5.99 37.85 3.25
CA GLY H 57 7.41 38.08 3.02
C GLY H 57 7.61 39.48 2.52
N LYS H 58 8.85 39.95 2.41
CA LYS H 58 9.14 41.32 1.95
C LYS H 58 8.66 41.54 0.48
N SER H 59 8.71 40.50 -0.37
CA SER H 59 8.31 40.60 -1.78
C SER H 59 6.78 40.70 -1.99
N ASN H 60 5.96 40.04 -1.14
CA ASN H 60 4.51 40.05 -1.35
C ASN H 60 3.75 40.92 -0.30
N LEU H 61 4.46 41.53 0.65
CA LEU H 61 3.90 42.30 1.76
C LEU H 61 2.91 43.40 1.33
N VAL H 62 3.19 44.15 0.25
CA VAL H 62 2.33 45.25 -0.20
C VAL H 62 0.97 44.70 -0.72
N SER H 63 0.97 43.74 -1.68
CA SER H 63 -0.26 43.18 -2.24
C SER H 63 -1.03 42.29 -1.25
N GLN H 64 -0.32 41.46 -0.44
CA GLN H 64 -0.98 40.58 0.52
C GLN H 64 -1.52 41.36 1.71
N GLY H 65 -0.81 42.43 2.10
CA GLY H 65 -1.22 43.34 3.16
C GLY H 65 -2.53 44.02 2.82
N ALA H 66 -2.67 44.45 1.54
CA ALA H 66 -3.88 45.07 1.00
C ALA H 66 -5.05 44.08 1.03
N LEU H 67 -4.77 42.78 0.78
CA LEU H 67 -5.75 41.70 0.80
C LEU H 67 -6.26 41.48 2.23
N VAL H 68 -5.34 41.46 3.24
CA VAL H 68 -5.68 41.32 4.66
C VAL H 68 -6.62 42.48 5.05
N GLU H 69 -6.28 43.72 4.62
CA GLU H 69 -7.07 44.93 4.87
C GLU H 69 -8.50 44.79 4.31
N GLY H 70 -8.62 44.22 3.10
CA GLY H 70 -9.89 43.97 2.44
C GLY H 70 -10.76 42.92 3.13
N LEU H 71 -10.14 41.79 3.52
CA LEU H 71 -10.80 40.68 4.22
C LEU H 71 -11.30 41.10 5.61
N VAL H 72 -10.47 41.85 6.40
CA VAL H 72 -10.75 42.34 7.75
C VAL H 72 -11.88 43.41 7.66
N SER H 73 -11.87 44.26 6.62
CA SER H 73 -12.92 45.28 6.40
C SER H 73 -14.28 44.62 6.13
N ALA H 74 -14.30 43.55 5.30
CA ALA H 74 -15.50 42.80 4.91
C ALA H 74 -15.99 41.88 6.02
N ARG H 75 -15.06 41.16 6.68
CA ARG H 75 -15.35 40.20 7.76
C ARG H 75 -14.58 40.62 9.01
N PRO H 76 -15.19 41.49 9.86
CA PRO H 76 -14.46 41.98 11.04
C PRO H 76 -14.19 40.90 12.09
N MSE H 77 -15.00 39.82 12.10
CA MSE H 77 -14.90 38.73 13.06
C MSE H 77 -13.87 37.67 12.62
O MSE H 77 -13.55 36.79 13.42
CB MSE H 77 -16.28 38.06 13.28
CG MSE H 77 -17.30 39.00 13.96
SE MSE H 77 -16.73 39.75 15.72
CE MSE H 77 -15.86 41.42 15.22
N LEU H 78 -13.32 37.79 11.39
CA LEU H 78 -12.31 36.88 10.86
C LEU H 78 -10.97 37.10 11.55
N SER H 79 -10.33 36.01 11.99
CA SER H 79 -9.00 36.03 12.59
C SER H 79 -7.97 35.75 11.50
N VAL H 80 -7.14 36.74 11.18
CA VAL H 80 -6.11 36.58 10.18
C VAL H 80 -4.78 36.34 10.92
N VAL H 81 -4.14 35.20 10.66
CA VAL H 81 -2.87 34.81 11.27
C VAL H 81 -1.81 34.83 10.17
N ALA H 82 -0.78 35.65 10.35
CA ALA H 82 0.30 35.75 9.39
C ALA H 82 1.35 34.68 9.66
N ILE H 83 1.98 34.18 8.57
CA ILE H 83 3.06 33.19 8.58
C ILE H 83 4.26 33.81 7.90
N GLY H 84 5.44 33.61 8.48
CA GLY H 84 6.66 34.12 7.87
C GLY H 84 7.79 34.24 8.85
N ASP H 85 8.71 35.19 8.61
CA ASP H 85 9.85 35.38 9.52
C ASP H 85 9.40 36.22 10.72
N GLY H 86 9.16 35.53 11.84
CA GLY H 86 8.75 36.14 13.10
C GLY H 86 9.82 36.96 13.78
N LEU H 87 11.07 36.84 13.30
CA LEU H 87 12.22 37.57 13.82
C LEU H 87 12.37 38.95 13.14
N ASP H 88 11.61 39.17 12.03
CA ASP H 88 11.59 40.42 11.25
C ASP H 88 10.51 41.34 11.82
N ASN H 89 10.94 42.30 12.65
CA ASN H 89 10.08 43.24 13.36
C ASN H 89 9.21 44.05 12.41
N GLN H 90 9.78 44.55 11.31
CA GLN H 90 9.03 45.37 10.35
C GLN H 90 7.92 44.56 9.67
N LEU H 91 8.13 43.25 9.46
CA LEU H 91 7.15 42.36 8.85
C LEU H 91 5.98 42.09 9.83
N VAL H 92 6.30 41.84 11.11
CA VAL H 92 5.34 41.61 12.19
C VAL H 92 4.46 42.88 12.37
N LEU H 93 5.08 44.10 12.36
CA LEU H 93 4.39 45.38 12.47
C LEU H 93 3.41 45.62 11.30
N ALA H 94 3.87 45.36 10.06
CA ALA H 94 3.08 45.51 8.82
C ALA H 94 1.86 44.60 8.83
N ALA H 95 2.05 43.37 9.33
CA ALA H 95 0.98 42.39 9.45
C ALA H 95 -0.09 42.88 10.43
N MSE H 96 0.34 43.38 11.62
CA MSE H 96 -0.53 43.90 12.68
C MSE H 96 -1.36 45.08 12.17
O MSE H 96 -2.56 45.14 12.41
CB MSE H 96 0.31 44.33 13.88
CG MSE H 96 -0.50 44.90 15.03
SE MSE H 96 0.72 45.49 16.39
CE MSE H 96 -0.40 45.81 17.72
N ARG H 97 -0.69 46.03 11.47
CA ARG H 97 -1.28 47.23 10.88
C ARG H 97 -2.32 46.85 9.82
N ALA H 98 -2.04 45.81 8.99
CA ALA H 98 -2.95 45.28 7.95
C ALA H 98 -4.24 44.69 8.55
N GLY H 99 -4.15 44.15 9.77
CA GLY H 99 -5.28 43.57 10.50
C GLY H 99 -5.08 42.18 11.06
N ALA H 100 -3.87 41.61 10.91
CA ALA H 100 -3.56 40.27 11.41
C ALA H 100 -3.52 40.25 12.93
N ARG H 101 -4.24 39.29 13.53
CA ARG H 101 -4.42 39.07 14.96
C ARG H 101 -3.21 38.33 15.60
N ASP H 102 -2.43 37.56 14.81
CA ASP H 102 -1.26 36.83 15.30
C ASP H 102 -0.24 36.64 14.16
N PHE H 103 0.97 36.23 14.54
CA PHE H 103 2.09 35.98 13.65
C PHE H 103 2.84 34.74 14.10
N ILE H 104 2.91 33.71 13.26
CA ILE H 104 3.62 32.48 13.57
C ILE H 104 4.72 32.29 12.54
N THR H 105 5.83 31.69 12.97
CA THR H 105 6.99 31.50 12.12
C THR H 105 6.87 30.14 11.45
N TYR H 106 7.08 30.08 10.11
CA TYR H 106 7.02 28.81 9.39
C TYR H 106 8.09 27.88 9.92
N GLY H 107 7.68 26.65 10.19
CA GLY H 107 8.57 25.62 10.70
C GLY H 107 8.61 25.53 12.21
N ALA H 108 7.79 26.37 12.92
CA ALA H 108 7.72 26.34 14.38
C ALA H 108 7.29 24.94 14.83
N ARG H 109 7.99 24.40 15.82
CA ARG H 109 7.77 23.07 16.39
C ARG H 109 6.39 23.03 17.10
N ALA H 110 5.83 21.82 17.23
CA ALA H 110 4.53 21.56 17.89
C ALA H 110 4.49 22.16 19.31
N SER H 111 5.64 22.13 20.04
CA SER H 111 5.86 22.66 21.39
C SER H 111 5.61 24.19 21.46
N GLU H 112 6.01 24.92 20.40
CA GLU H 112 5.89 26.37 20.24
C GLU H 112 4.46 26.79 19.86
N LEU H 113 3.71 25.87 19.20
CA LEU H 113 2.36 26.11 18.67
C LEU H 113 1.22 25.67 19.62
N THR H 114 1.57 25.01 20.73
CA THR H 114 0.68 24.48 21.77
C THR H 114 -0.38 25.56 22.23
N GLY H 115 0.04 26.80 22.38
CA GLY H 115 -0.85 27.89 22.78
C GLY H 115 -1.89 28.18 21.74
N LEU H 116 -1.44 28.39 20.49
CA LEU H 116 -2.27 28.66 19.32
C LEU H 116 -3.31 27.53 19.06
N ILE H 117 -2.97 26.23 19.27
CA ILE H 117 -3.88 25.10 19.04
C ILE H 117 -5.09 25.20 20.00
N ARG H 118 -4.86 25.56 21.28
CA ARG H 118 -5.89 25.72 22.29
CA ARG H 118 -5.92 25.71 22.27
C ARG H 118 -6.81 26.91 21.92
N ARG H 119 -6.22 28.03 21.41
CA ARG H 119 -6.93 29.23 20.98
C ARG H 119 -7.81 28.93 19.74
N LEU H 120 -7.27 28.19 18.74
CA LEU H 120 -7.99 27.80 17.53
C LEU H 120 -9.17 26.84 17.83
N GLY H 121 -9.09 26.15 18.97
CA GLY H 121 -10.14 25.26 19.48
C GLY H 121 -11.38 25.99 19.93
N GLY H 122 -11.31 27.30 20.15
CA GLY H 122 -12.48 28.10 20.53
C GLY H 122 -13.06 27.79 21.91
N ARG H 123 -14.42 27.96 22.03
CA ARG H 123 -15.18 27.76 23.28
C ARG H 123 -15.82 26.36 23.34
N LEU H 124 -16.13 25.86 24.58
CA LEU H 124 -16.75 24.54 24.75
C LEU H 124 -18.11 24.56 24.06
N PRO H 125 -18.28 23.78 22.98
CA PRO H 125 -19.55 23.83 22.24
C PRO H 125 -20.71 23.13 22.95
N SER H 126 -21.88 23.78 22.84
CA SER H 126 -23.16 23.34 23.36
C SER H 126 -23.74 22.26 22.47
N VAL H 127 -24.69 21.46 23.02
CA VAL H 127 -25.36 20.37 22.30
C VAL H 127 -26.19 20.99 21.13
N PRO H 128 -25.87 20.66 19.85
CA PRO H 128 -26.62 21.28 18.73
C PRO H 128 -27.91 20.52 18.41
S SO4 I . -26.18 -11.38 -8.69
O1 SO4 I . -25.92 -10.71 -9.96
O2 SO4 I . -27.61 -11.61 -8.52
O3 SO4 I . -25.48 -12.69 -8.64
O4 SO4 I . -25.70 -10.51 -7.61
S SO4 J . -3.66 -0.68 -16.96
O1 SO4 J . -3.92 0.08 -18.18
O2 SO4 J . -4.69 -1.73 -16.84
O3 SO4 J . -2.34 -1.33 -17.00
O4 SO4 J . -3.73 0.24 -15.82
S SO4 K . 12.50 -12.28 23.55
O1 SO4 K . 11.73 -11.14 23.07
O2 SO4 K . 11.70 -13.50 23.43
O3 SO4 K . 13.71 -12.39 22.76
O4 SO4 K . 12.85 -12.08 24.96
S SO4 L . 5.87 11.59 26.41
O1 SO4 L . 5.65 12.86 25.72
O2 SO4 L . 7.09 10.97 25.90
O3 SO4 L . 6.02 11.83 27.85
O4 SO4 L . 4.74 10.69 26.18
S SO4 M . 16.89 10.59 -34.93
O1 SO4 M . 16.55 11.99 -35.13
O2 SO4 M . 16.76 9.95 -36.25
O3 SO4 M . 18.25 10.47 -34.35
O4 SO4 M . 15.97 9.90 -34.00
S SO4 N . 3.36 -16.44 -32.87
O1 SO4 N . 3.09 -15.03 -32.55
O2 SO4 N . 2.23 -17.00 -33.62
O3 SO4 N . 4.58 -16.52 -33.69
O4 SO4 N . 3.55 -17.21 -31.65
S SO4 O . 18.95 -12.58 -30.83
O1 SO4 O . 19.32 -11.88 -32.06
O2 SO4 O . 18.83 -14.02 -31.10
O3 SO4 O . 19.97 -12.36 -29.79
O4 SO4 O . 17.68 -12.07 -30.36
S SO4 P . 9.19 -20.40 -34.58
O1 SO4 P . 7.97 -20.69 -33.82
O2 SO4 P . 8.97 -19.22 -35.43
O3 SO4 P . 10.30 -20.13 -33.66
O4 SO4 P . 9.53 -21.56 -35.41
S SO4 Q . 15.27 -19.93 -32.37
O1 SO4 Q . 14.69 -18.99 -33.33
O2 SO4 Q . 15.81 -21.08 -33.07
O3 SO4 Q . 16.34 -19.29 -31.61
O4 SO4 Q . 14.21 -20.36 -31.44
S SO4 R . 27.83 -19.54 6.44
O1 SO4 R . 27.15 -18.85 7.53
O2 SO4 R . 27.65 -18.82 5.17
O3 SO4 R . 29.27 -19.62 6.74
O4 SO4 R . 27.29 -20.89 6.33
S SO4 S . -34.09 9.96 -0.47
O1 SO4 S . -35.19 10.35 -1.34
O2 SO4 S . -33.52 8.70 -0.96
O3 SO4 S . -33.07 11.02 -0.48
O4 SO4 S . -34.59 9.76 0.88
S SO4 T . -30.33 18.57 28.17
O1 SO4 T . -30.33 17.20 28.65
O2 SO4 T . -30.14 19.51 29.29
O3 SO4 T . -29.22 18.74 27.21
O4 SO4 T . -31.61 18.86 27.51
S SO4 U . 10.65 37.25 1.01
O1 SO4 U . 10.63 38.59 0.42
O2 SO4 U . 11.85 36.54 0.53
O3 SO4 U . 10.69 37.33 2.47
O4 SO4 U . 9.45 36.52 0.59
S SO4 V . 2.44 23.28 27.57
O1 SO4 V . 1.22 24.09 27.48
O2 SO4 V . 3.30 23.51 26.40
O3 SO4 V . 3.17 23.63 28.78
O4 SO4 V . 2.08 21.86 27.64
#